data_3I9Z
# 
_entry.id   3I9Z 
# 
_audit_conform.dict_name       mmcif_pdbx.dic 
_audit_conform.dict_version    5.387 
_audit_conform.dict_location   http://mmcif.pdb.org/dictionaries/ascii/mmcif_pdbx.dic 
# 
loop_
_database_2.database_id 
_database_2.database_code 
_database_2.pdbx_database_accession 
_database_2.pdbx_DOI 
PDB   3I9Z         pdb_00003i9z 10.2210/pdb3i9z/pdb 
RCSB  RCSB054150   ?            ?                   
WWPDB D_1000054150 ?            ?                   
# 
loop_
_pdbx_audit_revision_history.ordinal 
_pdbx_audit_revision_history.data_content_type 
_pdbx_audit_revision_history.major_revision 
_pdbx_audit_revision_history.minor_revision 
_pdbx_audit_revision_history.revision_date 
1 'Structure model' 1 0 2009-11-17 
2 'Structure model' 1 1 2011-07-13 
3 'Structure model' 1 2 2017-11-01 
4 'Structure model' 1 3 2024-02-21 
# 
_pdbx_audit_revision_details.ordinal             1 
_pdbx_audit_revision_details.revision_ordinal    1 
_pdbx_audit_revision_details.data_content_type   'Structure model' 
_pdbx_audit_revision_details.provider            repository 
_pdbx_audit_revision_details.type                'Initial release' 
_pdbx_audit_revision_details.description         ? 
_pdbx_audit_revision_details.details             ? 
# 
loop_
_pdbx_audit_revision_group.ordinal 
_pdbx_audit_revision_group.revision_ordinal 
_pdbx_audit_revision_group.data_content_type 
_pdbx_audit_revision_group.group 
1 2 'Structure model' 'Version format compliance' 
2 3 'Structure model' 'Refinement description'    
3 4 'Structure model' 'Data collection'           
4 4 'Structure model' 'Database references'       
5 4 'Structure model' 'Derived calculations'      
# 
loop_
_pdbx_audit_revision_category.ordinal 
_pdbx_audit_revision_category.revision_ordinal 
_pdbx_audit_revision_category.data_content_type 
_pdbx_audit_revision_category.category 
1 3 'Structure model' software       
2 4 'Structure model' chem_comp_atom 
3 4 'Structure model' chem_comp_bond 
4 4 'Structure model' database_2     
5 4 'Structure model' struct_site    
# 
loop_
_pdbx_audit_revision_item.ordinal 
_pdbx_audit_revision_item.revision_ordinal 
_pdbx_audit_revision_item.data_content_type 
_pdbx_audit_revision_item.item 
1 3 'Structure model' '_software.name'                      
2 4 'Structure model' '_database_2.pdbx_DOI'                
3 4 'Structure model' '_database_2.pdbx_database_accession' 
4 4 'Structure model' '_struct_site.pdbx_auth_asym_id'      
5 4 'Structure model' '_struct_site.pdbx_auth_comp_id'      
6 4 'Structure model' '_struct_site.pdbx_auth_seq_id'       
# 
_pdbx_database_status.status_code                     REL 
_pdbx_database_status.entry_id                        3I9Z 
_pdbx_database_status.recvd_initial_deposition_date   2009-07-13 
_pdbx_database_status.deposit_site                    RCSB 
_pdbx_database_status.process_site                    RCSB 
_pdbx_database_status.status_code_sf                  REL 
_pdbx_database_status.status_code_mr                  ? 
_pdbx_database_status.SG_entry                        ? 
_pdbx_database_status.pdb_format_compatible           Y 
_pdbx_database_status.status_code_cs                  ? 
_pdbx_database_status.methods_development_category    ? 
_pdbx_database_status.status_code_nmr_data            ? 
# 
_pdbx_database_related.db_name        PDB 
_pdbx_database_related.db_id          2QIF 
_pdbx_database_related.details        'Crystal structure of a metallochaperone with a tetranuclear Cu(I) cluster' 
_pdbx_database_related.content_type   unspecified 
# 
loop_
_audit_author.name 
_audit_author.pdbx_ordinal 
'Hearnshaw, S.J.' 1 
'Zhou, L.'        2 
'Le Brun, N.E.'   3 
'Hemmings, A.M.'  4 
# 
_citation.id                        primary 
_citation.title                     
'Mechanistic insights into Cu(I) cluster transfer between the chaperone CopZ and its cognate Cu(I)-transporting P-type ATPase, CopA.' 
_citation.journal_abbrev            Biochem.J. 
_citation.journal_volume            424 
_citation.page_first                347 
_citation.page_last                 356 
_citation.year                      2009 
_citation.journal_id_ASTM           BIJOAK 
_citation.country                   UK 
_citation.journal_id_ISSN           0264-6021 
_citation.journal_id_CSD            0043 
_citation.book_publisher            ? 
_citation.pdbx_database_id_PubMed   19751213 
_citation.pdbx_database_id_DOI      10.1042/BJ20091079 
# 
loop_
_citation_author.citation_id 
_citation_author.name 
_citation_author.ordinal 
_citation_author.identifier_ORCID 
primary 'Singleton, C.'  1 ? 
primary 'Hearnshaw, S.'  2 ? 
primary 'Zhou, L.'       3 ? 
primary 'Le Brun, N.E.'  4 ? 
primary 'Hemmings, A.M.' 5 ? 
# 
loop_
_entity.id 
_entity.type 
_entity.src_method 
_entity.pdbx_description 
_entity.formula_weight 
_entity.pdbx_number_of_molecules 
_entity.pdbx_ec 
_entity.pdbx_mutation 
_entity.pdbx_fragment 
_entity.details 
1 polymer     man 'Copper chaperone copZ' 7346.172 1  ? ? ? ? 
2 non-polymer syn 'COPPER (I) ION'        63.546   1  ? ? ? ? 
3 water       nat water                   18.015   20 ? ? ? ? 
# 
_entity_name_com.entity_id   1 
_entity_name_com.name        'Copper-ion-binding protein' 
# 
_entity_poly.entity_id                      1 
_entity_poly.type                           'polypeptide(L)' 
_entity_poly.nstd_linkage                   no 
_entity_poly.nstd_monomer                   no 
_entity_poly.pdbx_seq_one_letter_code       MEQKTLQVEGMSCQHCVKAVETSVGELDGVSAVHVNLEAGKVDVSFDADKVSVKDIADAIEDQGYDVAK 
_entity_poly.pdbx_seq_one_letter_code_can   MEQKTLQVEGMSCQHCVKAVETSVGELDGVSAVHVNLEAGKVDVSFDADKVSVKDIADAIEDQGYDVAK 
_entity_poly.pdbx_strand_id                 A 
_entity_poly.pdbx_target_identifier         ? 
# 
loop_
_pdbx_entity_nonpoly.entity_id 
_pdbx_entity_nonpoly.name 
_pdbx_entity_nonpoly.comp_id 
2 'COPPER (I) ION' CU1 
3 water            HOH 
# 
loop_
_entity_poly_seq.entity_id 
_entity_poly_seq.num 
_entity_poly_seq.mon_id 
_entity_poly_seq.hetero 
1 1  MET n 
1 2  GLU n 
1 3  GLN n 
1 4  LYS n 
1 5  THR n 
1 6  LEU n 
1 7  GLN n 
1 8  VAL n 
1 9  GLU n 
1 10 GLY n 
1 11 MET n 
1 12 SER n 
1 13 CYS n 
1 14 GLN n 
1 15 HIS n 
1 16 CYS n 
1 17 VAL n 
1 18 LYS n 
1 19 ALA n 
1 20 VAL n 
1 21 GLU n 
1 22 THR n 
1 23 SER n 
1 24 VAL n 
1 25 GLY n 
1 26 GLU n 
1 27 LEU n 
1 28 ASP n 
1 29 GLY n 
1 30 VAL n 
1 31 SER n 
1 32 ALA n 
1 33 VAL n 
1 34 HIS n 
1 35 VAL n 
1 36 ASN n 
1 37 LEU n 
1 38 GLU n 
1 39 ALA n 
1 40 GLY n 
1 41 LYS n 
1 42 VAL n 
1 43 ASP n 
1 44 VAL n 
1 45 SER n 
1 46 PHE n 
1 47 ASP n 
1 48 ALA n 
1 49 ASP n 
1 50 LYS n 
1 51 VAL n 
1 52 SER n 
1 53 VAL n 
1 54 LYS n 
1 55 ASP n 
1 56 ILE n 
1 57 ALA n 
1 58 ASP n 
1 59 ALA n 
1 60 ILE n 
1 61 GLU n 
1 62 ASP n 
1 63 GLN n 
1 64 GLY n 
1 65 TYR n 
1 66 ASP n 
1 67 VAL n 
1 68 ALA n 
1 69 LYS n 
# 
_entity_src_gen.entity_id                          1 
_entity_src_gen.pdbx_src_id                        1 
_entity_src_gen.pdbx_alt_source_flag               sample 
_entity_src_gen.pdbx_seq_type                      ? 
_entity_src_gen.pdbx_beg_seq_num                   ? 
_entity_src_gen.pdbx_end_seq_num                   ? 
_entity_src_gen.gene_src_common_name               ? 
_entity_src_gen.gene_src_genus                     ? 
_entity_src_gen.pdbx_gene_src_gene                 'BSU33510, copZ, COPZ_BACSU, yvgY' 
_entity_src_gen.gene_src_species                   ? 
_entity_src_gen.gene_src_strain                    1A1 
_entity_src_gen.gene_src_tissue                    ? 
_entity_src_gen.gene_src_tissue_fraction           ? 
_entity_src_gen.gene_src_details                   ? 
_entity_src_gen.pdbx_gene_src_fragment             ? 
_entity_src_gen.pdbx_gene_src_scientific_name      'Bacillus subtilis' 
_entity_src_gen.pdbx_gene_src_ncbi_taxonomy_id     1423 
_entity_src_gen.pdbx_gene_src_variant              ? 
_entity_src_gen.pdbx_gene_src_cell_line            ? 
_entity_src_gen.pdbx_gene_src_atcc                 ? 
_entity_src_gen.pdbx_gene_src_organ                ? 
_entity_src_gen.pdbx_gene_src_organelle            ? 
_entity_src_gen.pdbx_gene_src_cell                 ? 
_entity_src_gen.pdbx_gene_src_cellular_location    ? 
_entity_src_gen.host_org_common_name               ? 
_entity_src_gen.pdbx_host_org_scientific_name      'Escherichia coli' 
_entity_src_gen.pdbx_host_org_ncbi_taxonomy_id     562 
_entity_src_gen.host_org_genus                     ? 
_entity_src_gen.pdbx_host_org_gene                 ? 
_entity_src_gen.pdbx_host_org_organ                ? 
_entity_src_gen.host_org_species                   ? 
_entity_src_gen.pdbx_host_org_tissue               ? 
_entity_src_gen.pdbx_host_org_tissue_fraction      ? 
_entity_src_gen.pdbx_host_org_strain               Jm109 
_entity_src_gen.pdbx_host_org_variant              ? 
_entity_src_gen.pdbx_host_org_cell_line            ? 
_entity_src_gen.pdbx_host_org_atcc                 ? 
_entity_src_gen.pdbx_host_org_culture_collection   ? 
_entity_src_gen.pdbx_host_org_cell                 ? 
_entity_src_gen.pdbx_host_org_organelle            ? 
_entity_src_gen.pdbx_host_org_cellular_location    ? 
_entity_src_gen.pdbx_host_org_vector_type          Plasmid 
_entity_src_gen.pdbx_host_org_vector               ? 
_entity_src_gen.host_org_details                   ? 
_entity_src_gen.expression_system_id               ? 
_entity_src_gen.plasmid_name                       ? 
_entity_src_gen.plasmid_details                    ? 
_entity_src_gen.pdbx_description                   ? 
# 
loop_
_chem_comp.id 
_chem_comp.type 
_chem_comp.mon_nstd_flag 
_chem_comp.name 
_chem_comp.pdbx_synonyms 
_chem_comp.formula 
_chem_comp.formula_weight 
ALA 'L-peptide linking' y ALANINE          ? 'C3 H7 N O2'     89.093  
ASN 'L-peptide linking' y ASPARAGINE       ? 'C4 H8 N2 O3'    132.118 
ASP 'L-peptide linking' y 'ASPARTIC ACID'  ? 'C4 H7 N O4'     133.103 
CU1 non-polymer         . 'COPPER (I) ION' ? 'Cu 1'           63.546  
CYS 'L-peptide linking' y CYSTEINE         ? 'C3 H7 N O2 S'   121.158 
GLN 'L-peptide linking' y GLUTAMINE        ? 'C5 H10 N2 O3'   146.144 
GLU 'L-peptide linking' y 'GLUTAMIC ACID'  ? 'C5 H9 N O4'     147.129 
GLY 'peptide linking'   y GLYCINE          ? 'C2 H5 N O2'     75.067  
HIS 'L-peptide linking' y HISTIDINE        ? 'C6 H10 N3 O2 1' 156.162 
HOH non-polymer         . WATER            ? 'H2 O'           18.015  
ILE 'L-peptide linking' y ISOLEUCINE       ? 'C6 H13 N O2'    131.173 
LEU 'L-peptide linking' y LEUCINE          ? 'C6 H13 N O2'    131.173 
LYS 'L-peptide linking' y LYSINE           ? 'C6 H15 N2 O2 1' 147.195 
MET 'L-peptide linking' y METHIONINE       ? 'C5 H11 N O2 S'  149.211 
PHE 'L-peptide linking' y PHENYLALANINE    ? 'C9 H11 N O2'    165.189 
SER 'L-peptide linking' y SERINE           ? 'C3 H7 N O3'     105.093 
THR 'L-peptide linking' y THREONINE        ? 'C4 H9 N O3'     119.119 
TYR 'L-peptide linking' y TYROSINE         ? 'C9 H11 N O3'    181.189 
VAL 'L-peptide linking' y VALINE           ? 'C5 H11 N O2'    117.146 
# 
loop_
_pdbx_poly_seq_scheme.asym_id 
_pdbx_poly_seq_scheme.entity_id 
_pdbx_poly_seq_scheme.seq_id 
_pdbx_poly_seq_scheme.mon_id 
_pdbx_poly_seq_scheme.ndb_seq_num 
_pdbx_poly_seq_scheme.pdb_seq_num 
_pdbx_poly_seq_scheme.auth_seq_num 
_pdbx_poly_seq_scheme.pdb_mon_id 
_pdbx_poly_seq_scheme.auth_mon_id 
_pdbx_poly_seq_scheme.pdb_strand_id 
_pdbx_poly_seq_scheme.pdb_ins_code 
_pdbx_poly_seq_scheme.hetero 
A 1 1  MET 1  1001 1001 MET MET A . n 
A 1 2  GLU 2  1002 1002 GLU GLU A . n 
A 1 3  GLN 3  1003 1003 GLN GLN A . n 
A 1 4  LYS 4  1004 1004 LYS LYS A . n 
A 1 5  THR 5  1005 1005 THR THR A . n 
A 1 6  LEU 6  1006 1006 LEU LEU A . n 
A 1 7  GLN 7  1007 1007 GLN GLN A . n 
A 1 8  VAL 8  1008 1008 VAL VAL A . n 
A 1 9  GLU 9  1009 1009 GLU GLU A . n 
A 1 10 GLY 10 1010 1010 GLY GLY A . n 
A 1 11 MET 11 1011 1011 MET MET A . n 
A 1 12 SER 12 1012 1012 SER SER A . n 
A 1 13 CYS 13 1013 1013 CYS CYS A . n 
A 1 14 GLN 14 1014 1014 GLN GLN A . n 
A 1 15 HIS 15 1015 1015 HIS HIS A . n 
A 1 16 CYS 16 1016 1016 CYS CYS A . n 
A 1 17 VAL 17 1017 1017 VAL VAL A . n 
A 1 18 LYS 18 1018 1018 LYS LYS A . n 
A 1 19 ALA 19 1019 1019 ALA ALA A . n 
A 1 20 VAL 20 1020 1020 VAL VAL A . n 
A 1 21 GLU 21 1021 1021 GLU GLU A . n 
A 1 22 THR 22 1022 1022 THR THR A . n 
A 1 23 SER 23 1023 1023 SER SER A . n 
A 1 24 VAL 24 1024 1024 VAL VAL A . n 
A 1 25 GLY 25 1025 1025 GLY GLY A . n 
A 1 26 GLU 26 1026 1026 GLU GLU A . n 
A 1 27 LEU 27 1027 1027 LEU LEU A . n 
A 1 28 ASP 28 1028 1028 ASP ASP A . n 
A 1 29 GLY 29 1029 1029 GLY GLY A . n 
A 1 30 VAL 30 1030 1030 VAL VAL A . n 
A 1 31 SER 31 1031 1031 SER SER A . n 
A 1 32 ALA 32 1032 1032 ALA ALA A . n 
A 1 33 VAL 33 1033 1033 VAL VAL A . n 
A 1 34 HIS 34 1034 1034 HIS HIS A . n 
A 1 35 VAL 35 1035 1035 VAL VAL A . n 
A 1 36 ASN 36 1036 1036 ASN ASN A . n 
A 1 37 LEU 37 1037 1037 LEU LEU A . n 
A 1 38 GLU 38 1038 1038 GLU GLU A . n 
A 1 39 ALA 39 1039 1039 ALA ALA A . n 
A 1 40 GLY 40 1040 1040 GLY GLY A . n 
A 1 41 LYS 41 1041 1041 LYS LYS A . n 
A 1 42 VAL 42 1042 1042 VAL VAL A . n 
A 1 43 ASP 43 1043 1043 ASP ASP A . n 
A 1 44 VAL 44 1044 1044 VAL VAL A . n 
A 1 45 SER 45 1045 1045 SER SER A . n 
A 1 46 PHE 46 1046 1046 PHE PHE A . n 
A 1 47 ASP 47 1047 1047 ASP ASP A . n 
A 1 48 ALA 48 1048 1048 ALA ALA A . n 
A 1 49 ASP 49 1049 1049 ASP ASP A . n 
A 1 50 LYS 50 1050 1050 LYS LYS A . n 
A 1 51 VAL 51 1051 1051 VAL VAL A . n 
A 1 52 SER 52 1052 1052 SER SER A . n 
A 1 53 VAL 53 1053 1053 VAL VAL A . n 
A 1 54 LYS 54 1054 1054 LYS LYS A . n 
A 1 55 ASP 55 1055 1055 ASP ASP A . n 
A 1 56 ILE 56 1056 1056 ILE ILE A . n 
A 1 57 ALA 57 1057 1057 ALA ALA A . n 
A 1 58 ASP 58 1058 1058 ASP ASP A . n 
A 1 59 ALA 59 1059 1059 ALA ALA A . n 
A 1 60 ILE 60 1060 1060 ILE ILE A . n 
A 1 61 GLU 61 1061 1061 GLU GLU A . n 
A 1 62 ASP 62 1062 1062 ASP ASP A . n 
A 1 63 GLN 63 1063 1063 GLN GLN A . n 
A 1 64 GLY 64 1064 1064 GLY GLY A . n 
A 1 65 TYR 65 1065 1065 TYR TYR A . n 
A 1 66 ASP 66 1066 1066 ASP ASP A . n 
A 1 67 VAL 67 1067 1067 VAL VAL A . n 
A 1 68 ALA 68 1068 1068 ALA ALA A . n 
A 1 69 LYS 69 1069 1069 LYS ALA A . n 
# 
loop_
_pdbx_nonpoly_scheme.asym_id 
_pdbx_nonpoly_scheme.entity_id 
_pdbx_nonpoly_scheme.mon_id 
_pdbx_nonpoly_scheme.ndb_seq_num 
_pdbx_nonpoly_scheme.pdb_seq_num 
_pdbx_nonpoly_scheme.auth_seq_num 
_pdbx_nonpoly_scheme.pdb_mon_id 
_pdbx_nonpoly_scheme.auth_mon_id 
_pdbx_nonpoly_scheme.pdb_strand_id 
_pdbx_nonpoly_scheme.pdb_ins_code 
B 2 CU1 1  2001 2001 CU1 CU1 A . 
C 3 HOH 1  3001 3001 HOH HOH A . 
C 3 HOH 2  3002 3002 HOH HOH A . 
C 3 HOH 3  3003 3003 HOH HOH A . 
C 3 HOH 4  3004 3004 HOH HOH A . 
C 3 HOH 5  3005 3005 HOH HOH A . 
C 3 HOH 6  3006 3006 HOH HOH A . 
C 3 HOH 7  3007 3007 HOH HOH A . 
C 3 HOH 8  3008 3008 HOH HOH A . 
C 3 HOH 9  3009 3009 HOH HOH A . 
C 3 HOH 10 3010 3010 HOH HOH A . 
C 3 HOH 11 3011 3011 HOH HOH A . 
C 3 HOH 12 3012 3012 HOH HOH A . 
C 3 HOH 13 3013 3013 HOH HOH A . 
C 3 HOH 14 3014 3014 HOH HOH A . 
C 3 HOH 15 3015 3015 HOH HOH A . 
C 3 HOH 16 3016 3016 HOH HOH A . 
C 3 HOH 17 3017 3017 HOH HOH A . 
C 3 HOH 18 3018 3018 HOH HOH A . 
C 3 HOH 19 3019 3019 HOH HOH A . 
C 3 HOH 20 3020 3020 HOH HOH A . 
# 
loop_
_pdbx_unobs_or_zero_occ_atoms.id 
_pdbx_unobs_or_zero_occ_atoms.PDB_model_num 
_pdbx_unobs_or_zero_occ_atoms.polymer_flag 
_pdbx_unobs_or_zero_occ_atoms.occupancy_flag 
_pdbx_unobs_or_zero_occ_atoms.auth_asym_id 
_pdbx_unobs_or_zero_occ_atoms.auth_comp_id 
_pdbx_unobs_or_zero_occ_atoms.auth_seq_id 
_pdbx_unobs_or_zero_occ_atoms.PDB_ins_code 
_pdbx_unobs_or_zero_occ_atoms.auth_atom_id 
_pdbx_unobs_or_zero_occ_atoms.label_alt_id 
_pdbx_unobs_or_zero_occ_atoms.label_asym_id 
_pdbx_unobs_or_zero_occ_atoms.label_comp_id 
_pdbx_unobs_or_zero_occ_atoms.label_seq_id 
_pdbx_unobs_or_zero_occ_atoms.label_atom_id 
1 1 Y 1 A LYS 1069 ? CG ? A LYS 69 CG 
2 1 Y 1 A LYS 1069 ? CD ? A LYS 69 CD 
3 1 Y 1 A LYS 1069 ? CE ? A LYS 69 CE 
4 1 Y 1 A LYS 1069 ? NZ ? A LYS 69 NZ 
# 
loop_
_software.name 
_software.classification 
_software.version 
_software.citation_id 
_software.pdbx_ordinal 
MAR345    'data collection' CCD ? 1 
MOLREP    phasing           .   ? 2 
SHELXL-97 refinement        .   ? 3 
MOSFLM    'data reduction'  .   ? 4 
SCALA     'data scaling'    .   ? 5 
# 
_cell.entry_id           3I9Z 
_cell.length_a           63.960 
_cell.length_b           63.960 
_cell.length_c           27.298 
_cell.angle_alpha        90.00 
_cell.angle_beta         90.00 
_cell.angle_gamma        120.00 
_cell.Z_PDB              6 
_cell.pdbx_unique_axis   ? 
_cell.length_a_esd       ? 
_cell.length_b_esd       ? 
_cell.length_c_esd       ? 
_cell.angle_alpha_esd    ? 
_cell.angle_beta_esd     ? 
_cell.angle_gamma_esd    ? 
# 
_symmetry.entry_id                         3I9Z 
_symmetry.space_group_name_H-M             'P 63' 
_symmetry.pdbx_full_space_group_name_H-M   ? 
_symmetry.cell_setting                     ? 
_symmetry.Int_Tables_number                173 
_symmetry.space_group_name_Hall            ? 
# 
_exptl.entry_id          3I9Z 
_exptl.method            'X-RAY DIFFRACTION' 
_exptl.crystals_number   1 
# 
_exptl_crystal.id                    1 
_exptl_crystal.density_meas          ? 
_exptl_crystal.density_Matthews      2.19 
_exptl_crystal.density_percent_sol   43.94 
_exptl_crystal.description           ? 
_exptl_crystal.F_000                 ? 
_exptl_crystal.preparation           ? 
# 
_exptl_crystal_grow.crystal_id      1 
_exptl_crystal_grow.method          'VAPOR DIFFUSION, HANGING DROP' 
_exptl_crystal_grow.temp            277 
_exptl_crystal_grow.temp_details    ? 
_exptl_crystal_grow.pH              7.0 
_exptl_crystal_grow.pdbx_details    
'0.2 M Ammonium acetate, 0.1 M Sodium acetate trihydrate pH 4.6, 30 % w/v PEG 4000, VAPOR DIFFUSION, HANGING DROP, temperature 277K' 
_exptl_crystal_grow.pdbx_pH_range   ? 
# 
_diffrn.id                     1 
_diffrn.ambient_temp           100 
_diffrn.ambient_temp_details   ? 
_diffrn.crystal_id             1 
# 
_diffrn_detector.diffrn_id              1 
_diffrn_detector.detector               CCD 
_diffrn_detector.type                   'MARMOSAIC 225 mm CCD' 
_diffrn_detector.pdbx_collection_date   2007-05-04 
_diffrn_detector.details                ? 
# 
_diffrn_radiation.diffrn_id                        1 
_diffrn_radiation.wavelength_id                    1 
_diffrn_radiation.pdbx_monochromatic_or_laue_m_l   M 
_diffrn_radiation.monochromator                    'Double crystal Si(III)' 
_diffrn_radiation.pdbx_diffrn_protocol             'SINGLE WAVELENGTH' 
_diffrn_radiation.pdbx_scattering_type             x-ray 
# 
_diffrn_radiation_wavelength.id           1 
_diffrn_radiation_wavelength.wavelength   1.3800 
_diffrn_radiation_wavelength.wt           1.0 
# 
_diffrn_source.diffrn_id                   1 
_diffrn_source.source                      SYNCHROTRON 
_diffrn_source.type                        'SRS BEAMLINE PX10.1' 
_diffrn_source.pdbx_synchrotron_site       SRS 
_diffrn_source.pdbx_synchrotron_beamline   PX10.1 
_diffrn_source.pdbx_wavelength             ? 
_diffrn_source.pdbx_wavelength_list        1.3800 
# 
_reflns.entry_id                     3I9Z 
_reflns.observed_criterion_sigma_I   4.0 
_reflns.observed_criterion_sigma_F   ? 
_reflns.d_resolution_low             50 
_reflns.d_resolution_high            1.90 
_reflns.number_obs                   5019 
_reflns.number_all                   5023 
_reflns.percent_possible_obs         99.92 
_reflns.pdbx_Rmerge_I_obs            0.066 
_reflns.pdbx_Rsym_value              ? 
_reflns.pdbx_netI_over_sigmaI        29.1 
_reflns.B_iso_Wilson_estimate        19.7 
_reflns.pdbx_redundancy              ? 
_reflns.R_free_details               ? 
_reflns.limit_h_max                  ? 
_reflns.limit_h_min                  ? 
_reflns.limit_k_max                  ? 
_reflns.limit_k_min                  ? 
_reflns.limit_l_max                  ? 
_reflns.limit_l_min                  ? 
_reflns.observed_criterion_F_max     ? 
_reflns.observed_criterion_F_min     ? 
_reflns.pdbx_chi_squared             ? 
_reflns.pdbx_scaling_rejects         ? 
_reflns.pdbx_diffrn_id               1 
_reflns.pdbx_ordinal                 1 
# 
_reflns_shell.d_res_high             1.90 
_reflns_shell.d_res_low              2.00 
_reflns_shell.percent_possible_all   99.0 
_reflns_shell.Rmerge_I_obs           0.238 
_reflns_shell.pdbx_Rsym_value        ? 
_reflns_shell.meanI_over_sigI_obs    8.6 
_reflns_shell.pdbx_redundancy        ? 
_reflns_shell.percent_possible_obs   ? 
_reflns_shell.number_unique_all      608 
_reflns_shell.number_measured_all    ? 
_reflns_shell.number_measured_obs    ? 
_reflns_shell.number_unique_obs      ? 
_reflns_shell.pdbx_chi_squared       ? 
_reflns_shell.pdbx_diffrn_id         ? 
_reflns_shell.pdbx_ordinal           1 
# 
_refine.entry_id                                 3I9Z 
_refine.ls_number_reflns_obs                     4978 
_refine.ls_number_reflns_all                     5019 
_refine.pdbx_ls_sigma_I                          ? 
_refine.pdbx_ls_sigma_F                          4.0 
_refine.pdbx_data_cutoff_high_absF               ? 
_refine.pdbx_data_cutoff_low_absF                ? 
_refine.pdbx_data_cutoff_high_rms_absF           ? 
_refine.ls_d_res_low                             10.0 
_refine.ls_d_res_high                            1.90 
_refine.ls_percent_reflns_obs                    99.18 
_refine.ls_R_factor_obs                          0.1908 
_refine.ls_R_factor_all                          ? 
_refine.ls_R_factor_R_work                       0.1908 
_refine.ls_R_factor_R_free                       0.2649 
_refine.ls_R_factor_R_free_error                 ? 
_refine.ls_R_factor_R_free_error_details         ? 
_refine.ls_percent_reflns_R_free                 ? 
_refine.ls_number_reflns_R_free                  249 
_refine.ls_number_parameters                     ? 
_refine.ls_number_restraints                     ? 
_refine.occupancy_min                            ? 
_refine.occupancy_max                            ? 
_refine.correlation_coeff_Fo_to_Fc               ? 
_refine.correlation_coeff_Fo_to_Fc_free          ? 
_refine.B_iso_mean                               17.6 
_refine.aniso_B[1][1]                            ? 
_refine.aniso_B[2][2]                            ? 
_refine.aniso_B[3][3]                            ? 
_refine.aniso_B[1][2]                            ? 
_refine.aniso_B[1][3]                            ? 
_refine.aniso_B[2][3]                            ? 
_refine.solvent_model_details                    ? 
_refine.solvent_model_param_ksol                 ? 
_refine.solvent_model_param_bsol                 ? 
_refine.pdbx_solvent_vdw_probe_radii             ? 
_refine.pdbx_solvent_ion_probe_radii             ? 
_refine.pdbx_solvent_shrinkage_radii             ? 
_refine.pdbx_ls_cross_valid_method               ? 
_refine.details                                  ? 
_refine.pdbx_starting_model                      ? 
_refine.pdbx_method_to_determine_struct          SAD 
_refine.pdbx_isotropic_thermal_model             ? 
_refine.pdbx_stereochemistry_target_values       'Engh & Huber' 
_refine.pdbx_stereochem_target_val_spec_case     ? 
_refine.pdbx_R_Free_selection_details            RANDOM 
_refine.pdbx_overall_ESU_R                       ? 
_refine.pdbx_overall_ESU_R_Free                  ? 
_refine.overall_SU_ML                            ? 
_refine.overall_SU_B                             ? 
_refine.ls_redundancy_reflns_obs                 ? 
_refine.B_iso_min                                ? 
_refine.B_iso_max                                ? 
_refine.overall_SU_R_Cruickshank_DPI             ? 
_refine.overall_SU_R_free                        ? 
_refine.ls_wR_factor_R_free                      ? 
_refine.ls_wR_factor_R_work                      ? 
_refine.overall_FOM_free_R_set                   ? 
_refine.overall_FOM_work_R_set                   ? 
_refine.pdbx_overall_phase_error                 ? 
_refine.pdbx_refine_id                           'X-RAY DIFFRACTION' 
_refine.pdbx_diffrn_id                           1 
_refine.pdbx_TLS_residual_ADP_flag               ? 
_refine.pdbx_overall_SU_R_free_Cruickshank_DPI   ? 
_refine.pdbx_overall_SU_R_Blow_DPI               ? 
_refine.pdbx_overall_SU_R_free_Blow_DPI          ? 
# 
_refine_hist.pdbx_refine_id                   'X-RAY DIFFRACTION' 
_refine_hist.cycle_id                         LAST 
_refine_hist.pdbx_number_atoms_protein        506 
_refine_hist.pdbx_number_atoms_nucleic_acid   0 
_refine_hist.pdbx_number_atoms_ligand         1 
_refine_hist.number_atoms_solvent             20 
_refine_hist.number_atoms_total               527 
_refine_hist.d_res_high                       1.90 
_refine_hist.d_res_low                        10.0 
# 
loop_
_refine_ls_restr.type 
_refine_ls_restr.dev_ideal 
_refine_ls_restr.dev_ideal_target 
_refine_ls_restr.weight 
_refine_ls_restr.number 
_refine_ls_restr.pdbx_refine_id 
_refine_ls_restr.pdbx_restraint_function 
r_bond_refined_d    0.011 ? ? ? 'X-RAY DIFFRACTION' ? 
r_angle_refined_deg 2.0   ? ? ? 'X-RAY DIFFRACTION' ? 
r_chiral_restr      0.023 ? ? ? 'X-RAY DIFFRACTION' ? 
# 
_refine_ls_shell.pdbx_total_number_of_bins_used   6 
_refine_ls_shell.d_res_high                       1.90 
_refine_ls_shell.d_res_low                        2.00 
_refine_ls_shell.number_reflns_R_work             ? 
_refine_ls_shell.R_factor_R_work                  0.1895 
_refine_ls_shell.percent_reflns_obs               87.23 
_refine_ls_shell.R_factor_R_free                  0.2702 
_refine_ls_shell.R_factor_R_free_error            ? 
_refine_ls_shell.percent_reflns_R_free            ? 
_refine_ls_shell.number_reflns_R_free             ? 
_refine_ls_shell.number_reflns_all                ? 
_refine_ls_shell.R_factor_all                     ? 
_refine_ls_shell.number_reflns_obs                ? 
_refine_ls_shell.redundancy_reflns_obs            ? 
_refine_ls_shell.pdbx_refine_id                   'X-RAY DIFFRACTION' 
# 
_struct.entry_id                  3I9Z 
_struct.title                     'Crystal structure of a metallochaperone with a trinuclear Cu(I) cluster' 
_struct.pdbx_model_details        ? 
_struct.pdbx_CASP_flag            ? 
_struct.pdbx_model_type_details   ? 
# 
_struct_keywords.entry_id        3I9Z 
_struct_keywords.pdbx_keywords   CHAPERONE 
_struct_keywords.text            'CHAPERONE, Copper, Cytoplasm, Metal-binding' 
# 
loop_
_struct_asym.id 
_struct_asym.pdbx_blank_PDB_chainid_flag 
_struct_asym.pdbx_modified 
_struct_asym.entity_id 
_struct_asym.details 
A N N 1 ? 
B N N 2 ? 
C N N 3 ? 
# 
_struct_ref.id                         1 
_struct_ref.db_name                    UNP 
_struct_ref.db_code                    COPZ_BACSU 
_struct_ref.pdbx_db_accession          O32221 
_struct_ref.entity_id                  1 
_struct_ref.pdbx_seq_one_letter_code   MEQKTLQVEGMSCQHCVKAVETSVGELDGVSAVHVNLEAGKVDVSFDADKVSVKDIADAIEDQGYDVAK 
_struct_ref.pdbx_align_begin           1 
_struct_ref.pdbx_db_isoform            ? 
# 
_struct_ref_seq.align_id                      1 
_struct_ref_seq.ref_id                        1 
_struct_ref_seq.pdbx_PDB_id_code              3I9Z 
_struct_ref_seq.pdbx_strand_id                A 
_struct_ref_seq.seq_align_beg                 1 
_struct_ref_seq.pdbx_seq_align_beg_ins_code   ? 
_struct_ref_seq.seq_align_end                 69 
_struct_ref_seq.pdbx_seq_align_end_ins_code   ? 
_struct_ref_seq.pdbx_db_accession             O32221 
_struct_ref_seq.db_align_beg                  1 
_struct_ref_seq.pdbx_db_align_beg_ins_code    ? 
_struct_ref_seq.db_align_end                  69 
_struct_ref_seq.pdbx_db_align_end_ins_code    ? 
_struct_ref_seq.pdbx_auth_seq_align_beg       1001 
_struct_ref_seq.pdbx_auth_seq_align_end       1069 
# 
_pdbx_struct_assembly.id                   1 
_pdbx_struct_assembly.details              author_and_software_defined_assembly 
_pdbx_struct_assembly.method_details       PISA 
_pdbx_struct_assembly.oligomeric_details   trimeric 
_pdbx_struct_assembly.oligomeric_count     3 
# 
loop_
_pdbx_struct_assembly_prop.biol_id 
_pdbx_struct_assembly_prop.type 
_pdbx_struct_assembly_prop.value 
_pdbx_struct_assembly_prop.details 
1 'ABSA (A^2)' 2100  ? 
1 MORE         -51.3 ? 
1 'SSA (A^2)'  10510 ? 
# 
_pdbx_struct_assembly_gen.assembly_id       1 
_pdbx_struct_assembly_gen.oper_expression   1,2,3 
_pdbx_struct_assembly_gen.asym_id_list      A,B,C 
# 
loop_
_pdbx_struct_oper_list.id 
_pdbx_struct_oper_list.type 
_pdbx_struct_oper_list.name 
_pdbx_struct_oper_list.symmetry_operation 
_pdbx_struct_oper_list.matrix[1][1] 
_pdbx_struct_oper_list.matrix[1][2] 
_pdbx_struct_oper_list.matrix[1][3] 
_pdbx_struct_oper_list.vector[1] 
_pdbx_struct_oper_list.matrix[2][1] 
_pdbx_struct_oper_list.matrix[2][2] 
_pdbx_struct_oper_list.matrix[2][3] 
_pdbx_struct_oper_list.vector[2] 
_pdbx_struct_oper_list.matrix[3][1] 
_pdbx_struct_oper_list.matrix[3][2] 
_pdbx_struct_oper_list.matrix[3][3] 
_pdbx_struct_oper_list.vector[3] 
1 'identity operation'         1_555 x,y,z       1.0000000000 0.0000000000 0.0000000000  0.0000000000   0.0000000000 1.0000000000 0.0000000000  0.0000000000  0.0000000000  0.0000000000  1.0000000000  0.0000000000   
2 'crystal symmetry operation' 2_545 -y,x-y-1,z  0.2780126583 0.8316342748 0.4807217436  -18.7168820382 0.6501193307 0.2055135042 -0.7315114869 17.5707868270 -0.7071448350 0.5158959513  -0.4835261625 -13.6397994912 
3 'crystal symmetry operation' 3_655 -x+y+1,-x,z 0.2780126583 0.6501193307 -0.7071448350 -15.8648918018 0.8316342748 0.2055135042 0.5158959513  18.9912839823 0.4807217436  -0.7315114869 -0.4835261625 15.2556446587 
# 
_struct_biol.id        1 
_struct_biol.details   ? 
# 
loop_
_struct_conf.conf_type_id 
_struct_conf.id 
_struct_conf.pdbx_PDB_helix_id 
_struct_conf.beg_label_comp_id 
_struct_conf.beg_label_asym_id 
_struct_conf.beg_label_seq_id 
_struct_conf.pdbx_beg_PDB_ins_code 
_struct_conf.end_label_comp_id 
_struct_conf.end_label_asym_id 
_struct_conf.end_label_seq_id 
_struct_conf.pdbx_end_PDB_ins_code 
_struct_conf.beg_auth_comp_id 
_struct_conf.beg_auth_asym_id 
_struct_conf.beg_auth_seq_id 
_struct_conf.end_auth_comp_id 
_struct_conf.end_auth_asym_id 
_struct_conf.end_auth_seq_id 
_struct_conf.pdbx_PDB_helix_class 
_struct_conf.details 
_struct_conf.pdbx_PDB_helix_length 
HELX_P HELX_P1 1 CYS A 13 ? GLU A 26 ? CYS A 1013 GLU A 1026 1 ? 14 
HELX_P HELX_P2 2 SER A 52 ? ASP A 62 ? SER A 1052 ASP A 1062 1 ? 11 
# 
_struct_conf_type.id          HELX_P 
_struct_conf_type.criteria    ? 
_struct_conf_type.reference   ? 
# 
_struct_sheet.id               A 
_struct_sheet.type             ? 
_struct_sheet.number_strands   4 
_struct_sheet.details          ? 
# 
loop_
_struct_sheet_order.sheet_id 
_struct_sheet_order.range_id_1 
_struct_sheet_order.range_id_2 
_struct_sheet_order.offset 
_struct_sheet_order.sense 
A 1 2 ? anti-parallel 
A 2 3 ? anti-parallel 
A 3 4 ? anti-parallel 
# 
loop_
_struct_sheet_range.sheet_id 
_struct_sheet_range.id 
_struct_sheet_range.beg_label_comp_id 
_struct_sheet_range.beg_label_asym_id 
_struct_sheet_range.beg_label_seq_id 
_struct_sheet_range.pdbx_beg_PDB_ins_code 
_struct_sheet_range.end_label_comp_id 
_struct_sheet_range.end_label_asym_id 
_struct_sheet_range.end_label_seq_id 
_struct_sheet_range.pdbx_end_PDB_ins_code 
_struct_sheet_range.beg_auth_comp_id 
_struct_sheet_range.beg_auth_asym_id 
_struct_sheet_range.beg_auth_seq_id 
_struct_sheet_range.end_auth_comp_id 
_struct_sheet_range.end_auth_asym_id 
_struct_sheet_range.end_auth_seq_id 
A 1 VAL A 30 ? VAL A 33 ? VAL A 1030 VAL A 1033 
A 2 LYS A 41 ? PHE A 46 ? LYS A 1041 PHE A 1046 
A 3 GLU A 2  ? GLU A 9  ? GLU A 1002 GLU A 1009 
A 4 ASP A 66 ? VAL A 67 ? ASP A 1066 VAL A 1067 
# 
loop_
_pdbx_struct_sheet_hbond.sheet_id 
_pdbx_struct_sheet_hbond.range_id_1 
_pdbx_struct_sheet_hbond.range_id_2 
_pdbx_struct_sheet_hbond.range_1_label_atom_id 
_pdbx_struct_sheet_hbond.range_1_label_comp_id 
_pdbx_struct_sheet_hbond.range_1_label_asym_id 
_pdbx_struct_sheet_hbond.range_1_label_seq_id 
_pdbx_struct_sheet_hbond.range_1_PDB_ins_code 
_pdbx_struct_sheet_hbond.range_1_auth_atom_id 
_pdbx_struct_sheet_hbond.range_1_auth_comp_id 
_pdbx_struct_sheet_hbond.range_1_auth_asym_id 
_pdbx_struct_sheet_hbond.range_1_auth_seq_id 
_pdbx_struct_sheet_hbond.range_2_label_atom_id 
_pdbx_struct_sheet_hbond.range_2_label_comp_id 
_pdbx_struct_sheet_hbond.range_2_label_asym_id 
_pdbx_struct_sheet_hbond.range_2_label_seq_id 
_pdbx_struct_sheet_hbond.range_2_PDB_ins_code 
_pdbx_struct_sheet_hbond.range_2_auth_atom_id 
_pdbx_struct_sheet_hbond.range_2_auth_comp_id 
_pdbx_struct_sheet_hbond.range_2_auth_asym_id 
_pdbx_struct_sheet_hbond.range_2_auth_seq_id 
A 1 2 N ALA A 32 ? N ALA A 1032 O SER A 45 ? O SER A 1045 
A 2 3 O VAL A 44 ? O VAL A 1044 N LYS A 4  ? N LYS A 1004 
A 3 4 N GLU A 9  ? N GLU A 1009 O ASP A 66 ? O ASP A 1066 
# 
_struct_site.id                   AC1 
_struct_site.pdbx_evidence_code   Software 
_struct_site.pdbx_auth_asym_id    A 
_struct_site.pdbx_auth_comp_id    CU1 
_struct_site.pdbx_auth_seq_id     2001 
_struct_site.pdbx_auth_ins_code   ? 
_struct_site.pdbx_num_residues    3 
_struct_site.details              'BINDING SITE FOR RESIDUE CU1 A 2001' 
# 
loop_
_struct_site_gen.id 
_struct_site_gen.site_id 
_struct_site_gen.pdbx_num_res 
_struct_site_gen.label_comp_id 
_struct_site_gen.label_asym_id 
_struct_site_gen.label_seq_id 
_struct_site_gen.pdbx_auth_ins_code 
_struct_site_gen.auth_comp_id 
_struct_site_gen.auth_asym_id 
_struct_site_gen.auth_seq_id 
_struct_site_gen.label_atom_id 
_struct_site_gen.label_alt_id 
_struct_site_gen.symmetry 
_struct_site_gen.details 
1 AC1 3 CYS A 13 ? CYS A 1013 . ? 1_555 ? 
2 AC1 3 CYS A 16 ? CYS A 1016 . ? 2_545 ? 
3 AC1 3 CYS A 16 ? CYS A 1016 . ? 1_555 ? 
# 
loop_
_pdbx_validate_torsion.id 
_pdbx_validate_torsion.PDB_model_num 
_pdbx_validate_torsion.auth_comp_id 
_pdbx_validate_torsion.auth_asym_id 
_pdbx_validate_torsion.auth_seq_id 
_pdbx_validate_torsion.PDB_ins_code 
_pdbx_validate_torsion.label_alt_id 
_pdbx_validate_torsion.phi 
_pdbx_validate_torsion.psi 
1 1 THR A 1005 ? ? -105.74 78.58  
2 1 ALA A 1032 ? ? 176.94  160.76 
3 1 ALA A 1068 ? ? -62.56  87.67  
# 
_pdbx_struct_special_symmetry.id              1 
_pdbx_struct_special_symmetry.PDB_model_num   1 
_pdbx_struct_special_symmetry.auth_asym_id    A 
_pdbx_struct_special_symmetry.auth_comp_id    HOH 
_pdbx_struct_special_symmetry.auth_seq_id     3005 
_pdbx_struct_special_symmetry.PDB_ins_code    ? 
_pdbx_struct_special_symmetry.label_asym_id   C 
_pdbx_struct_special_symmetry.label_comp_id   HOH 
_pdbx_struct_special_symmetry.label_seq_id    . 
# 
loop_
_chem_comp_atom.comp_id 
_chem_comp_atom.atom_id 
_chem_comp_atom.type_symbol 
_chem_comp_atom.pdbx_aromatic_flag 
_chem_comp_atom.pdbx_stereo_config 
_chem_comp_atom.pdbx_ordinal 
ALA N    N  N N 1   
ALA CA   C  N S 2   
ALA C    C  N N 3   
ALA O    O  N N 4   
ALA CB   C  N N 5   
ALA OXT  O  N N 6   
ALA H    H  N N 7   
ALA H2   H  N N 8   
ALA HA   H  N N 9   
ALA HB1  H  N N 10  
ALA HB2  H  N N 11  
ALA HB3  H  N N 12  
ALA HXT  H  N N 13  
ASN N    N  N N 14  
ASN CA   C  N S 15  
ASN C    C  N N 16  
ASN O    O  N N 17  
ASN CB   C  N N 18  
ASN CG   C  N N 19  
ASN OD1  O  N N 20  
ASN ND2  N  N N 21  
ASN OXT  O  N N 22  
ASN H    H  N N 23  
ASN H2   H  N N 24  
ASN HA   H  N N 25  
ASN HB2  H  N N 26  
ASN HB3  H  N N 27  
ASN HD21 H  N N 28  
ASN HD22 H  N N 29  
ASN HXT  H  N N 30  
ASP N    N  N N 31  
ASP CA   C  N S 32  
ASP C    C  N N 33  
ASP O    O  N N 34  
ASP CB   C  N N 35  
ASP CG   C  N N 36  
ASP OD1  O  N N 37  
ASP OD2  O  N N 38  
ASP OXT  O  N N 39  
ASP H    H  N N 40  
ASP H2   H  N N 41  
ASP HA   H  N N 42  
ASP HB2  H  N N 43  
ASP HB3  H  N N 44  
ASP HD2  H  N N 45  
ASP HXT  H  N N 46  
CU1 CU   CU N N 47  
CYS N    N  N N 48  
CYS CA   C  N R 49  
CYS C    C  N N 50  
CYS O    O  N N 51  
CYS CB   C  N N 52  
CYS SG   S  N N 53  
CYS OXT  O  N N 54  
CYS H    H  N N 55  
CYS H2   H  N N 56  
CYS HA   H  N N 57  
CYS HB2  H  N N 58  
CYS HB3  H  N N 59  
CYS HG   H  N N 60  
CYS HXT  H  N N 61  
GLN N    N  N N 62  
GLN CA   C  N S 63  
GLN C    C  N N 64  
GLN O    O  N N 65  
GLN CB   C  N N 66  
GLN CG   C  N N 67  
GLN CD   C  N N 68  
GLN OE1  O  N N 69  
GLN NE2  N  N N 70  
GLN OXT  O  N N 71  
GLN H    H  N N 72  
GLN H2   H  N N 73  
GLN HA   H  N N 74  
GLN HB2  H  N N 75  
GLN HB3  H  N N 76  
GLN HG2  H  N N 77  
GLN HG3  H  N N 78  
GLN HE21 H  N N 79  
GLN HE22 H  N N 80  
GLN HXT  H  N N 81  
GLU N    N  N N 82  
GLU CA   C  N S 83  
GLU C    C  N N 84  
GLU O    O  N N 85  
GLU CB   C  N N 86  
GLU CG   C  N N 87  
GLU CD   C  N N 88  
GLU OE1  O  N N 89  
GLU OE2  O  N N 90  
GLU OXT  O  N N 91  
GLU H    H  N N 92  
GLU H2   H  N N 93  
GLU HA   H  N N 94  
GLU HB2  H  N N 95  
GLU HB3  H  N N 96  
GLU HG2  H  N N 97  
GLU HG3  H  N N 98  
GLU HE2  H  N N 99  
GLU HXT  H  N N 100 
GLY N    N  N N 101 
GLY CA   C  N N 102 
GLY C    C  N N 103 
GLY O    O  N N 104 
GLY OXT  O  N N 105 
GLY H    H  N N 106 
GLY H2   H  N N 107 
GLY HA2  H  N N 108 
GLY HA3  H  N N 109 
GLY HXT  H  N N 110 
HIS N    N  N N 111 
HIS CA   C  N S 112 
HIS C    C  N N 113 
HIS O    O  N N 114 
HIS CB   C  N N 115 
HIS CG   C  Y N 116 
HIS ND1  N  Y N 117 
HIS CD2  C  Y N 118 
HIS CE1  C  Y N 119 
HIS NE2  N  Y N 120 
HIS OXT  O  N N 121 
HIS H    H  N N 122 
HIS H2   H  N N 123 
HIS HA   H  N N 124 
HIS HB2  H  N N 125 
HIS HB3  H  N N 126 
HIS HD1  H  N N 127 
HIS HD2  H  N N 128 
HIS HE1  H  N N 129 
HIS HE2  H  N N 130 
HIS HXT  H  N N 131 
HOH O    O  N N 132 
HOH H1   H  N N 133 
HOH H2   H  N N 134 
ILE N    N  N N 135 
ILE CA   C  N S 136 
ILE C    C  N N 137 
ILE O    O  N N 138 
ILE CB   C  N S 139 
ILE CG1  C  N N 140 
ILE CG2  C  N N 141 
ILE CD1  C  N N 142 
ILE OXT  O  N N 143 
ILE H    H  N N 144 
ILE H2   H  N N 145 
ILE HA   H  N N 146 
ILE HB   H  N N 147 
ILE HG12 H  N N 148 
ILE HG13 H  N N 149 
ILE HG21 H  N N 150 
ILE HG22 H  N N 151 
ILE HG23 H  N N 152 
ILE HD11 H  N N 153 
ILE HD12 H  N N 154 
ILE HD13 H  N N 155 
ILE HXT  H  N N 156 
LEU N    N  N N 157 
LEU CA   C  N S 158 
LEU C    C  N N 159 
LEU O    O  N N 160 
LEU CB   C  N N 161 
LEU CG   C  N N 162 
LEU CD1  C  N N 163 
LEU CD2  C  N N 164 
LEU OXT  O  N N 165 
LEU H    H  N N 166 
LEU H2   H  N N 167 
LEU HA   H  N N 168 
LEU HB2  H  N N 169 
LEU HB3  H  N N 170 
LEU HG   H  N N 171 
LEU HD11 H  N N 172 
LEU HD12 H  N N 173 
LEU HD13 H  N N 174 
LEU HD21 H  N N 175 
LEU HD22 H  N N 176 
LEU HD23 H  N N 177 
LEU HXT  H  N N 178 
LYS N    N  N N 179 
LYS CA   C  N S 180 
LYS C    C  N N 181 
LYS O    O  N N 182 
LYS CB   C  N N 183 
LYS CG   C  N N 184 
LYS CD   C  N N 185 
LYS CE   C  N N 186 
LYS NZ   N  N N 187 
LYS OXT  O  N N 188 
LYS H    H  N N 189 
LYS H2   H  N N 190 
LYS HA   H  N N 191 
LYS HB2  H  N N 192 
LYS HB3  H  N N 193 
LYS HG2  H  N N 194 
LYS HG3  H  N N 195 
LYS HD2  H  N N 196 
LYS HD3  H  N N 197 
LYS HE2  H  N N 198 
LYS HE3  H  N N 199 
LYS HZ1  H  N N 200 
LYS HZ2  H  N N 201 
LYS HZ3  H  N N 202 
LYS HXT  H  N N 203 
MET N    N  N N 204 
MET CA   C  N S 205 
MET C    C  N N 206 
MET O    O  N N 207 
MET CB   C  N N 208 
MET CG   C  N N 209 
MET SD   S  N N 210 
MET CE   C  N N 211 
MET OXT  O  N N 212 
MET H    H  N N 213 
MET H2   H  N N 214 
MET HA   H  N N 215 
MET HB2  H  N N 216 
MET HB3  H  N N 217 
MET HG2  H  N N 218 
MET HG3  H  N N 219 
MET HE1  H  N N 220 
MET HE2  H  N N 221 
MET HE3  H  N N 222 
MET HXT  H  N N 223 
PHE N    N  N N 224 
PHE CA   C  N S 225 
PHE C    C  N N 226 
PHE O    O  N N 227 
PHE CB   C  N N 228 
PHE CG   C  Y N 229 
PHE CD1  C  Y N 230 
PHE CD2  C  Y N 231 
PHE CE1  C  Y N 232 
PHE CE2  C  Y N 233 
PHE CZ   C  Y N 234 
PHE OXT  O  N N 235 
PHE H    H  N N 236 
PHE H2   H  N N 237 
PHE HA   H  N N 238 
PHE HB2  H  N N 239 
PHE HB3  H  N N 240 
PHE HD1  H  N N 241 
PHE HD2  H  N N 242 
PHE HE1  H  N N 243 
PHE HE2  H  N N 244 
PHE HZ   H  N N 245 
PHE HXT  H  N N 246 
SER N    N  N N 247 
SER CA   C  N S 248 
SER C    C  N N 249 
SER O    O  N N 250 
SER CB   C  N N 251 
SER OG   O  N N 252 
SER OXT  O  N N 253 
SER H    H  N N 254 
SER H2   H  N N 255 
SER HA   H  N N 256 
SER HB2  H  N N 257 
SER HB3  H  N N 258 
SER HG   H  N N 259 
SER HXT  H  N N 260 
THR N    N  N N 261 
THR CA   C  N S 262 
THR C    C  N N 263 
THR O    O  N N 264 
THR CB   C  N R 265 
THR OG1  O  N N 266 
THR CG2  C  N N 267 
THR OXT  O  N N 268 
THR H    H  N N 269 
THR H2   H  N N 270 
THR HA   H  N N 271 
THR HB   H  N N 272 
THR HG1  H  N N 273 
THR HG21 H  N N 274 
THR HG22 H  N N 275 
THR HG23 H  N N 276 
THR HXT  H  N N 277 
TYR N    N  N N 278 
TYR CA   C  N S 279 
TYR C    C  N N 280 
TYR O    O  N N 281 
TYR CB   C  N N 282 
TYR CG   C  Y N 283 
TYR CD1  C  Y N 284 
TYR CD2  C  Y N 285 
TYR CE1  C  Y N 286 
TYR CE2  C  Y N 287 
TYR CZ   C  Y N 288 
TYR OH   O  N N 289 
TYR OXT  O  N N 290 
TYR H    H  N N 291 
TYR H2   H  N N 292 
TYR HA   H  N N 293 
TYR HB2  H  N N 294 
TYR HB3  H  N N 295 
TYR HD1  H  N N 296 
TYR HD2  H  N N 297 
TYR HE1  H  N N 298 
TYR HE2  H  N N 299 
TYR HH   H  N N 300 
TYR HXT  H  N N 301 
VAL N    N  N N 302 
VAL CA   C  N S 303 
VAL C    C  N N 304 
VAL O    O  N N 305 
VAL CB   C  N N 306 
VAL CG1  C  N N 307 
VAL CG2  C  N N 308 
VAL OXT  O  N N 309 
VAL H    H  N N 310 
VAL H2   H  N N 311 
VAL HA   H  N N 312 
VAL HB   H  N N 313 
VAL HG11 H  N N 314 
VAL HG12 H  N N 315 
VAL HG13 H  N N 316 
VAL HG21 H  N N 317 
VAL HG22 H  N N 318 
VAL HG23 H  N N 319 
VAL HXT  H  N N 320 
# 
loop_
_chem_comp_bond.comp_id 
_chem_comp_bond.atom_id_1 
_chem_comp_bond.atom_id_2 
_chem_comp_bond.value_order 
_chem_comp_bond.pdbx_aromatic_flag 
_chem_comp_bond.pdbx_stereo_config 
_chem_comp_bond.pdbx_ordinal 
ALA N   CA   sing N N 1   
ALA N   H    sing N N 2   
ALA N   H2   sing N N 3   
ALA CA  C    sing N N 4   
ALA CA  CB   sing N N 5   
ALA CA  HA   sing N N 6   
ALA C   O    doub N N 7   
ALA C   OXT  sing N N 8   
ALA CB  HB1  sing N N 9   
ALA CB  HB2  sing N N 10  
ALA CB  HB3  sing N N 11  
ALA OXT HXT  sing N N 12  
ASN N   CA   sing N N 13  
ASN N   H    sing N N 14  
ASN N   H2   sing N N 15  
ASN CA  C    sing N N 16  
ASN CA  CB   sing N N 17  
ASN CA  HA   sing N N 18  
ASN C   O    doub N N 19  
ASN C   OXT  sing N N 20  
ASN CB  CG   sing N N 21  
ASN CB  HB2  sing N N 22  
ASN CB  HB3  sing N N 23  
ASN CG  OD1  doub N N 24  
ASN CG  ND2  sing N N 25  
ASN ND2 HD21 sing N N 26  
ASN ND2 HD22 sing N N 27  
ASN OXT HXT  sing N N 28  
ASP N   CA   sing N N 29  
ASP N   H    sing N N 30  
ASP N   H2   sing N N 31  
ASP CA  C    sing N N 32  
ASP CA  CB   sing N N 33  
ASP CA  HA   sing N N 34  
ASP C   O    doub N N 35  
ASP C   OXT  sing N N 36  
ASP CB  CG   sing N N 37  
ASP CB  HB2  sing N N 38  
ASP CB  HB3  sing N N 39  
ASP CG  OD1  doub N N 40  
ASP CG  OD2  sing N N 41  
ASP OD2 HD2  sing N N 42  
ASP OXT HXT  sing N N 43  
CYS N   CA   sing N N 44  
CYS N   H    sing N N 45  
CYS N   H2   sing N N 46  
CYS CA  C    sing N N 47  
CYS CA  CB   sing N N 48  
CYS CA  HA   sing N N 49  
CYS C   O    doub N N 50  
CYS C   OXT  sing N N 51  
CYS CB  SG   sing N N 52  
CYS CB  HB2  sing N N 53  
CYS CB  HB3  sing N N 54  
CYS SG  HG   sing N N 55  
CYS OXT HXT  sing N N 56  
GLN N   CA   sing N N 57  
GLN N   H    sing N N 58  
GLN N   H2   sing N N 59  
GLN CA  C    sing N N 60  
GLN CA  CB   sing N N 61  
GLN CA  HA   sing N N 62  
GLN C   O    doub N N 63  
GLN C   OXT  sing N N 64  
GLN CB  CG   sing N N 65  
GLN CB  HB2  sing N N 66  
GLN CB  HB3  sing N N 67  
GLN CG  CD   sing N N 68  
GLN CG  HG2  sing N N 69  
GLN CG  HG3  sing N N 70  
GLN CD  OE1  doub N N 71  
GLN CD  NE2  sing N N 72  
GLN NE2 HE21 sing N N 73  
GLN NE2 HE22 sing N N 74  
GLN OXT HXT  sing N N 75  
GLU N   CA   sing N N 76  
GLU N   H    sing N N 77  
GLU N   H2   sing N N 78  
GLU CA  C    sing N N 79  
GLU CA  CB   sing N N 80  
GLU CA  HA   sing N N 81  
GLU C   O    doub N N 82  
GLU C   OXT  sing N N 83  
GLU CB  CG   sing N N 84  
GLU CB  HB2  sing N N 85  
GLU CB  HB3  sing N N 86  
GLU CG  CD   sing N N 87  
GLU CG  HG2  sing N N 88  
GLU CG  HG3  sing N N 89  
GLU CD  OE1  doub N N 90  
GLU CD  OE2  sing N N 91  
GLU OE2 HE2  sing N N 92  
GLU OXT HXT  sing N N 93  
GLY N   CA   sing N N 94  
GLY N   H    sing N N 95  
GLY N   H2   sing N N 96  
GLY CA  C    sing N N 97  
GLY CA  HA2  sing N N 98  
GLY CA  HA3  sing N N 99  
GLY C   O    doub N N 100 
GLY C   OXT  sing N N 101 
GLY OXT HXT  sing N N 102 
HIS N   CA   sing N N 103 
HIS N   H    sing N N 104 
HIS N   H2   sing N N 105 
HIS CA  C    sing N N 106 
HIS CA  CB   sing N N 107 
HIS CA  HA   sing N N 108 
HIS C   O    doub N N 109 
HIS C   OXT  sing N N 110 
HIS CB  CG   sing N N 111 
HIS CB  HB2  sing N N 112 
HIS CB  HB3  sing N N 113 
HIS CG  ND1  sing Y N 114 
HIS CG  CD2  doub Y N 115 
HIS ND1 CE1  doub Y N 116 
HIS ND1 HD1  sing N N 117 
HIS CD2 NE2  sing Y N 118 
HIS CD2 HD2  sing N N 119 
HIS CE1 NE2  sing Y N 120 
HIS CE1 HE1  sing N N 121 
HIS NE2 HE2  sing N N 122 
HIS OXT HXT  sing N N 123 
HOH O   H1   sing N N 124 
HOH O   H2   sing N N 125 
ILE N   CA   sing N N 126 
ILE N   H    sing N N 127 
ILE N   H2   sing N N 128 
ILE CA  C    sing N N 129 
ILE CA  CB   sing N N 130 
ILE CA  HA   sing N N 131 
ILE C   O    doub N N 132 
ILE C   OXT  sing N N 133 
ILE CB  CG1  sing N N 134 
ILE CB  CG2  sing N N 135 
ILE CB  HB   sing N N 136 
ILE CG1 CD1  sing N N 137 
ILE CG1 HG12 sing N N 138 
ILE CG1 HG13 sing N N 139 
ILE CG2 HG21 sing N N 140 
ILE CG2 HG22 sing N N 141 
ILE CG2 HG23 sing N N 142 
ILE CD1 HD11 sing N N 143 
ILE CD1 HD12 sing N N 144 
ILE CD1 HD13 sing N N 145 
ILE OXT HXT  sing N N 146 
LEU N   CA   sing N N 147 
LEU N   H    sing N N 148 
LEU N   H2   sing N N 149 
LEU CA  C    sing N N 150 
LEU CA  CB   sing N N 151 
LEU CA  HA   sing N N 152 
LEU C   O    doub N N 153 
LEU C   OXT  sing N N 154 
LEU CB  CG   sing N N 155 
LEU CB  HB2  sing N N 156 
LEU CB  HB3  sing N N 157 
LEU CG  CD1  sing N N 158 
LEU CG  CD2  sing N N 159 
LEU CG  HG   sing N N 160 
LEU CD1 HD11 sing N N 161 
LEU CD1 HD12 sing N N 162 
LEU CD1 HD13 sing N N 163 
LEU CD2 HD21 sing N N 164 
LEU CD2 HD22 sing N N 165 
LEU CD2 HD23 sing N N 166 
LEU OXT HXT  sing N N 167 
LYS N   CA   sing N N 168 
LYS N   H    sing N N 169 
LYS N   H2   sing N N 170 
LYS CA  C    sing N N 171 
LYS CA  CB   sing N N 172 
LYS CA  HA   sing N N 173 
LYS C   O    doub N N 174 
LYS C   OXT  sing N N 175 
LYS CB  CG   sing N N 176 
LYS CB  HB2  sing N N 177 
LYS CB  HB3  sing N N 178 
LYS CG  CD   sing N N 179 
LYS CG  HG2  sing N N 180 
LYS CG  HG3  sing N N 181 
LYS CD  CE   sing N N 182 
LYS CD  HD2  sing N N 183 
LYS CD  HD3  sing N N 184 
LYS CE  NZ   sing N N 185 
LYS CE  HE2  sing N N 186 
LYS CE  HE3  sing N N 187 
LYS NZ  HZ1  sing N N 188 
LYS NZ  HZ2  sing N N 189 
LYS NZ  HZ3  sing N N 190 
LYS OXT HXT  sing N N 191 
MET N   CA   sing N N 192 
MET N   H    sing N N 193 
MET N   H2   sing N N 194 
MET CA  C    sing N N 195 
MET CA  CB   sing N N 196 
MET CA  HA   sing N N 197 
MET C   O    doub N N 198 
MET C   OXT  sing N N 199 
MET CB  CG   sing N N 200 
MET CB  HB2  sing N N 201 
MET CB  HB3  sing N N 202 
MET CG  SD   sing N N 203 
MET CG  HG2  sing N N 204 
MET CG  HG3  sing N N 205 
MET SD  CE   sing N N 206 
MET CE  HE1  sing N N 207 
MET CE  HE2  sing N N 208 
MET CE  HE3  sing N N 209 
MET OXT HXT  sing N N 210 
PHE N   CA   sing N N 211 
PHE N   H    sing N N 212 
PHE N   H2   sing N N 213 
PHE CA  C    sing N N 214 
PHE CA  CB   sing N N 215 
PHE CA  HA   sing N N 216 
PHE C   O    doub N N 217 
PHE C   OXT  sing N N 218 
PHE CB  CG   sing N N 219 
PHE CB  HB2  sing N N 220 
PHE CB  HB3  sing N N 221 
PHE CG  CD1  doub Y N 222 
PHE CG  CD2  sing Y N 223 
PHE CD1 CE1  sing Y N 224 
PHE CD1 HD1  sing N N 225 
PHE CD2 CE2  doub Y N 226 
PHE CD2 HD2  sing N N 227 
PHE CE1 CZ   doub Y N 228 
PHE CE1 HE1  sing N N 229 
PHE CE2 CZ   sing Y N 230 
PHE CE2 HE2  sing N N 231 
PHE CZ  HZ   sing N N 232 
PHE OXT HXT  sing N N 233 
SER N   CA   sing N N 234 
SER N   H    sing N N 235 
SER N   H2   sing N N 236 
SER CA  C    sing N N 237 
SER CA  CB   sing N N 238 
SER CA  HA   sing N N 239 
SER C   O    doub N N 240 
SER C   OXT  sing N N 241 
SER CB  OG   sing N N 242 
SER CB  HB2  sing N N 243 
SER CB  HB3  sing N N 244 
SER OG  HG   sing N N 245 
SER OXT HXT  sing N N 246 
THR N   CA   sing N N 247 
THR N   H    sing N N 248 
THR N   H2   sing N N 249 
THR CA  C    sing N N 250 
THR CA  CB   sing N N 251 
THR CA  HA   sing N N 252 
THR C   O    doub N N 253 
THR C   OXT  sing N N 254 
THR CB  OG1  sing N N 255 
THR CB  CG2  sing N N 256 
THR CB  HB   sing N N 257 
THR OG1 HG1  sing N N 258 
THR CG2 HG21 sing N N 259 
THR CG2 HG22 sing N N 260 
THR CG2 HG23 sing N N 261 
THR OXT HXT  sing N N 262 
TYR N   CA   sing N N 263 
TYR N   H    sing N N 264 
TYR N   H2   sing N N 265 
TYR CA  C    sing N N 266 
TYR CA  CB   sing N N 267 
TYR CA  HA   sing N N 268 
TYR C   O    doub N N 269 
TYR C   OXT  sing N N 270 
TYR CB  CG   sing N N 271 
TYR CB  HB2  sing N N 272 
TYR CB  HB3  sing N N 273 
TYR CG  CD1  doub Y N 274 
TYR CG  CD2  sing Y N 275 
TYR CD1 CE1  sing Y N 276 
TYR CD1 HD1  sing N N 277 
TYR CD2 CE2  doub Y N 278 
TYR CD2 HD2  sing N N 279 
TYR CE1 CZ   doub Y N 280 
TYR CE1 HE1  sing N N 281 
TYR CE2 CZ   sing Y N 282 
TYR CE2 HE2  sing N N 283 
TYR CZ  OH   sing N N 284 
TYR OH  HH   sing N N 285 
TYR OXT HXT  sing N N 286 
VAL N   CA   sing N N 287 
VAL N   H    sing N N 288 
VAL N   H2   sing N N 289 
VAL CA  C    sing N N 290 
VAL CA  CB   sing N N 291 
VAL CA  HA   sing N N 292 
VAL C   O    doub N N 293 
VAL C   OXT  sing N N 294 
VAL CB  CG1  sing N N 295 
VAL CB  CG2  sing N N 296 
VAL CB  HB   sing N N 297 
VAL CG1 HG11 sing N N 298 
VAL CG1 HG12 sing N N 299 
VAL CG1 HG13 sing N N 300 
VAL CG2 HG21 sing N N 301 
VAL CG2 HG22 sing N N 302 
VAL CG2 HG23 sing N N 303 
VAL OXT HXT  sing N N 304 
# 
_atom_sites.entry_id                    3I9Z 
_atom_sites.fract_transf_matrix[1][1]   -0.00033597 
_atom_sites.fract_transf_matrix[1][2]   0.00307088 
_atom_sites.fract_transf_matrix[1][3]   0.01778755 
_atom_sites.fract_transf_matrix[2][1]   0.01067482 
_atom_sites.fract_transf_matrix[2][2]   -0.00952775 
_atom_sites.fract_transf_matrix[2][3]   0.01100823 
_atom_sites.fract_transf_matrix[3][1]   0.02638276 
_atom_sites.fract_transf_matrix[3][2]   0.02512346 
_atom_sites.fract_transf_matrix[3][3]   -0.00383905 
_atom_sites.fract_transf_vector[1]      0.282456 
_atom_sites.fract_transf_vector[2]      -0.100084 
_atom_sites.fract_transf_vector[3]      0.049899 
# 
loop_
_atom_type.symbol 
C  
CU 
N  
O  
S  
# 
loop_
_atom_site.group_PDB 
_atom_site.id 
_atom_site.type_symbol 
_atom_site.label_atom_id 
_atom_site.label_alt_id 
_atom_site.label_comp_id 
_atom_site.label_asym_id 
_atom_site.label_entity_id 
_atom_site.label_seq_id 
_atom_site.pdbx_PDB_ins_code 
_atom_site.Cartn_x 
_atom_site.Cartn_y 
_atom_site.Cartn_z 
_atom_site.occupancy 
_atom_site.B_iso_or_equiv 
_atom_site.pdbx_formal_charge 
_atom_site.auth_seq_id 
_atom_site.auth_comp_id 
_atom_site.auth_asym_id 
_atom_site.auth_atom_id 
_atom_site.pdbx_PDB_model_num 
ATOM   1   N  N   . MET A 1 1  ? 11.941  -9.497  -5.943  1.00 29.02 ? 1001 MET A N   1 
ATOM   2   C  CA  . MET A 1 1  ? 10.677  -8.895  -6.353  1.00 40.74 ? 1001 MET A CA  1 
ATOM   3   C  C   . MET A 1 1  ? 9.488   -9.763  -5.947  1.00 39.51 ? 1001 MET A C   1 
ATOM   4   O  O   . MET A 1 1  ? 9.171   -10.741 -6.628  1.00 18.38 ? 1001 MET A O   1 
ATOM   5   C  CB  . MET A 1 1  ? 10.672  -8.647  -7.865  1.00 34.35 ? 1001 MET A CB  1 
ATOM   6   C  CG  . MET A 1 1  ? 11.664  -7.565  -8.279  1.00 28.11 ? 1001 MET A CG  1 
ATOM   7   S  SD  . MET A 1 1  ? 11.181  -5.942  -7.639  1.00 86.76 ? 1001 MET A SD  1 
ATOM   8   C  CE  . MET A 1 1  ? 9.391   -6.100  -7.757  1.00 33.86 ? 1001 MET A CE  1 
ATOM   9   N  N   . GLU A 1 2  ? 8.862   -9.380  -4.842  1.00 39.85 ? 1002 GLU A N   1 
ATOM   10  C  CA  . GLU A 1 2  ? 7.742   -10.073 -4.226  1.00 40.11 ? 1002 GLU A CA  1 
ATOM   11  C  C   . GLU A 1 2  ? 6.411   -9.399  -4.547  1.00 39.83 ? 1002 GLU A C   1 
ATOM   12  O  O   . GLU A 1 2  ? 6.392   -8.256  -5.006  1.00 50.21 ? 1002 GLU A O   1 
ATOM   13  C  CB  . GLU A 1 2  ? 7.925   -10.130 -2.707  1.00 39.91 ? 1002 GLU A CB  1 
ATOM   14  C  CG  . GLU A 1 2  ? 8.562   -11.415 -2.200  1.00 44.16 ? 1002 GLU A CG  1 
ATOM   15  C  CD  . GLU A 1 2  ? 9.615   -11.160 -1.137  1.00 43.45 ? 1002 GLU A CD  1 
ATOM   16  O  OE1 . GLU A 1 2  ? 9.339   -10.370 -0.209  1.00 34.37 ? 1002 GLU A OE1 1 
ATOM   17  O  OE2 . GLU A 1 2  ? 10.714  -11.747 -1.231  1.00 48.06 ? 1002 GLU A OE2 1 
ATOM   18  N  N   . GLN A 1 3  ? 5.316   -10.107 -4.301  1.00 33.04 ? 1003 GLN A N   1 
ATOM   19  C  CA  . GLN A 1 3  ? 3.977   -9.573  -4.539  1.00 28.15 ? 1003 GLN A CA  1 
ATOM   20  C  C   . GLN A 1 3  ? 3.049   -9.969  -3.393  1.00 32.12 ? 1003 GLN A C   1 
ATOM   21  O  O   . GLN A 1 3  ? 2.817   -11.155 -3.175  1.00 55.89 ? 1003 GLN A O   1 
ATOM   22  C  CB  . GLN A 1 3  ? 3.437   -10.047 -5.887  1.00 31.36 ? 1003 GLN A CB  1 
ATOM   23  C  CG  . GLN A 1 3  ? 3.846   -9.168  -7.060  1.00 38.85 ? 1003 GLN A CG  1 
ATOM   24  C  CD  . GLN A 1 3  ? 2.948   -9.302  -8.271  1.00 40.41 ? 1003 GLN A CD  1 
ATOM   25  O  OE1 . GLN A 1 3  ? 1.777   -9.672  -8.169  1.00 40.90 ? 1003 GLN A OE1 1 
ATOM   26  N  NE2 . GLN A 1 3  ? 3.483   -8.995  -9.448  1.00 35.59 ? 1003 GLN A NE2 1 
ATOM   27  N  N   . LYS A 1 4  ? 2.552   -8.968  -2.680  1.00 36.17 ? 1004 LYS A N   1 
ATOM   28  C  CA  . LYS A 1 4  ? 1.799   -9.104  -1.447  1.00 35.93 ? 1004 LYS A CA  1 
ATOM   29  C  C   . LYS A 1 4  ? 0.432   -8.429  -1.489  1.00 33.45 ? 1004 LYS A C   1 
ATOM   30  O  O   . LYS A 1 4  ? 0.277   -7.371  -2.096  1.00 30.56 ? 1004 LYS A O   1 
ATOM   31  C  CB  . LYS A 1 4  ? 2.611   -8.496  -0.292  1.00 35.19 ? 1004 LYS A CB  1 
ATOM   32  C  CG  . LYS A 1 4  ? 3.787   -9.343  0.152   1.00 34.43 ? 1004 LYS A CG  1 
ATOM   33  C  CD  . LYS A 1 4  ? 5.097   -8.577  0.094   1.00 35.83 ? 1004 LYS A CD  1 
ATOM   34  C  CE  . LYS A 1 4  ? 6.163   -9.242  0.951   1.00 36.89 ? 1004 LYS A CE  1 
ATOM   35  N  NZ  . LYS A 1 4  ? 6.514   -10.605 0.476   1.00 27.46 ? 1004 LYS A NZ  1 
ATOM   36  N  N   . THR A 1 5  ? -0.551  -9.037  -0.835  1.00 31.57 ? 1005 THR A N   1 
ATOM   37  C  CA  . THR A 1 5  ? -1.906  -8.511  -0.761  1.00 34.05 ? 1005 THR A CA  1 
ATOM   38  C  C   . THR A 1 5  ? -2.200  -7.924  0.614   1.00 34.24 ? 1005 THR A C   1 
ATOM   39  O  O   . THR A 1 5  ? -2.852  -8.584  1.431   1.00 36.53 ? 1005 THR A O   1 
ATOM   40  C  CB  . THR A 1 5  ? -2.968  -9.596  -1.034  1.00 36.44 ? 1005 THR A CB  1 
ATOM   41  O  OG1 . THR A 1 5  ? -2.458  -10.549 -1.978  1.00 27.94 ? 1005 THR A OG1 1 
ATOM   42  C  CG2 . THR A 1 5  ? -4.218  -8.977  -1.656  1.00 30.44 ? 1005 THR A CG2 1 
ATOM   43  N  N   . LEU A 1 6  ? -1.728  -6.710  0.895   1.00 35.66 ? 1006 LEU A N   1 
ATOM   44  C  CA  . LEU A 1 6  ? -1.963  -6.152  2.230   1.00 29.92 ? 1006 LEU A CA  1 
ATOM   45  C  C   . LEU A 1 6  ? -3.455  -5.958  2.482   1.00 26.97 ? 1006 LEU A C   1 
ATOM   46  O  O   . LEU A 1 6  ? -4.189  -5.397  1.669   1.00 19.17 ? 1006 LEU A O   1 
ATOM   47  C  CB  . LEU A 1 6  ? -1.214  -4.836  2.426   1.00 33.50 ? 1006 LEU A CB  1 
ATOM   48  C  CG  . LEU A 1 6  ? 0.263   -4.929  2.816   1.00 32.95 ? 1006 LEU A CG  1 
ATOM   49  C  CD1 . LEU A 1 6  ? 0.702   -3.671  3.560   1.00 10.59 ? 1006 LEU A CD1 1 
ATOM   50  C  CD2 . LEU A 1 6  ? 0.516   -6.173  3.660   1.00 35.08 ? 1006 LEU A CD2 1 
ATOM   51  N  N   . GLN A 1 7  ? -3.898  -6.447  3.639   1.00 22.07 ? 1007 GLN A N   1 
ATOM   52  C  CA  . GLN A 1 7  ? -5.300  -6.272  4.020   1.00 24.93 ? 1007 GLN A CA  1 
ATOM   53  C  C   . GLN A 1 7  ? -5.449  -4.906  4.680   1.00 19.97 ? 1007 GLN A C   1 
ATOM   54  O  O   . GLN A 1 7  ? -4.742  -4.613  5.647   1.00 29.56 ? 1007 GLN A O   1 
ATOM   55  C  CB  . GLN A 1 7  ? -5.764  -7.406  4.927   1.00 26.88 ? 1007 GLN A CB  1 
ATOM   56  C  CG  . GLN A 1 7  ? -7.239  -7.747  4.826   1.00 26.84 ? 1007 GLN A CG  1 
ATOM   57  C  CD  . GLN A 1 7  ? -7.681  -8.132  3.431   1.00 19.45 ? 1007 GLN A CD  1 
ATOM   58  O  OE1 . GLN A 1 7  ? -7.643  -9.306  3.063   1.00 26.07 ? 1007 GLN A OE1 1 
ATOM   59  N  NE2 . GLN A 1 7  ? -8.101  -7.150  2.641   1.00 14.98 ? 1007 GLN A NE2 1 
ATOM   60  N  N   . VAL A 1 8  ? -6.335  -4.077  4.141   1.00 12.85 ? 1008 VAL A N   1 
ATOM   61  C  CA  . VAL A 1 8  ? -6.474  -2.700  4.608   1.00 9.72  ? 1008 VAL A CA  1 
ATOM   62  C  C   . VAL A 1 8  ? -7.911  -2.327  4.941   1.00 13.30 ? 1008 VAL A C   1 
ATOM   63  O  O   . VAL A 1 8  ? -8.841  -2.497  4.149   1.00 10.63 ? 1008 VAL A O   1 
ATOM   64  C  CB  . VAL A 1 8  ? -5.940  -1.702  3.558   1.00 5.81  ? 1008 VAL A CB  1 
ATOM   65  C  CG1 . VAL A 1 8  ? -6.495  -0.314  3.834   1.00 27.09 ? 1008 VAL A CG1 1 
ATOM   66  C  CG2 . VAL A 1 8  ? -4.419  -1.685  3.553   1.00 10.27 ? 1008 VAL A CG2 1 
ATOM   67  N  N   . GLU A 1 9  ? -8.115  -1.786  6.148   1.00 10.63 ? 1009 GLU A N   1 
ATOM   68  C  CA  . GLU A 1 9  ? -9.456  -1.322  6.491   1.00 10.98 ? 1009 GLU A CA  1 
ATOM   69  C  C   . GLU A 1 9  ? -9.540  0.200   6.524   1.00 5.56  ? 1009 GLU A C   1 
ATOM   70  O  O   . GLU A 1 9  ? -8.607  0.878   6.944   1.00 7.70  ? 1009 GLU A O   1 
ATOM   71  C  CB  . GLU A 1 9  ? -9.884  -1.892  7.844   1.00 8.58  ? 1009 GLU A CB  1 
ATOM   72  C  CG  . GLU A 1 9  ? -9.696  -3.398  7.952   1.00 15.81 ? 1009 GLU A CG  1 
ATOM   73  C  CD  . GLU A 1 9  ? -10.882 -4.173  7.412   1.00 24.53 ? 1009 GLU A CD  1 
ATOM   74  O  OE1 . GLU A 1 9  ? -11.957 -4.157  8.054   1.00 40.69 ? 1009 GLU A OE1 1 
ATOM   75  O  OE2 . GLU A 1 9  ? -10.748 -4.801  6.342   1.00 35.98 ? 1009 GLU A OE2 1 
ATOM   76  N  N   . GLY A 1 10 ? -10.683 0.736   6.098   1.00 3.76  ? 1010 GLY A N   1 
ATOM   77  C  CA  . GLY A 1 10 ? -10.878 2.176   6.169   1.00 3.16  ? 1010 GLY A CA  1 
ATOM   78  C  C   . GLY A 1 10 ? -10.873 2.848   4.819   1.00 0.00  ? 1010 GLY A C   1 
ATOM   79  O  O   . GLY A 1 10 ? -11.342 3.978   4.692   1.00 2.37  ? 1010 GLY A O   1 
ATOM   80  N  N   . MET A 1 11 ? -10.361 2.206   3.764   1.00 11.45 ? 1011 MET A N   1 
ATOM   81  C  CA  . MET A 1 11 ? -10.407 2.896   2.467   1.00 12.74 ? 1011 MET A CA  1 
ATOM   82  C  C   . MET A 1 11 ? -11.826 2.967   1.925   1.00 10.83 ? 1011 MET A C   1 
ATOM   83  O  O   . MET A 1 11 ? -12.495 1.938   1.765   1.00 0.00  ? 1011 MET A O   1 
ATOM   84  C  CB  . MET A 1 11 ? -9.478  2.185   1.482   1.00 12.80 ? 1011 MET A CB  1 
ATOM   85  C  CG  . MET A 1 11 ? -8.076  1.939   2.016   1.00 7.46  ? 1011 MET A CG  1 
ATOM   86  S  SD  . MET A 1 11 ? -6.912  1.497   0.705   1.00 11.09 ? 1011 MET A SD  1 
ATOM   87  C  CE  . MET A 1 11 ? -7.617  -0.060  0.160   1.00 18.90 ? 1011 MET A CE  1 
ATOM   88  N  N   . SER A 1 12 ? -12.339 4.170   1.618   1.00 4.29  ? 1012 SER A N   1 
ATOM   89  C  CA  . SER A 1 12 ? -13.694 4.202   1.065   1.00 12.19 ? 1012 SER A CA  1 
ATOM   90  C  C   . SER A 1 12 ? -13.832 5.125   -0.139  1.00 9.30  ? 1012 SER A C   1 
ATOM   91  O  O   . SER A 1 12 ? -14.873 5.075   -0.804  1.00 4.69  ? 1012 SER A O   1 
ATOM   92  C  CB  . SER A 1 12 ? -14.717 4.611   2.131   1.00 6.31  ? 1012 SER A CB  1 
ATOM   93  O  OG  . SER A 1 12 ? -14.540 5.962   2.516   1.00 0.00  ? 1012 SER A OG  1 
ATOM   94  N  N   . CYS A 1 13 ? -12.830 5.948   -0.433  1.00 6.08  ? 1013 CYS A N   1 
ATOM   95  C  CA  . CYS A 1 13 ? -13.001 6.930   -1.511  1.00 6.26  ? 1013 CYS A CA  1 
ATOM   96  C  C   . CYS A 1 13 ? -11.971 6.753   -2.624  1.00 0.49  ? 1013 CYS A C   1 
ATOM   97  O  O   . CYS A 1 13 ? -10.754 6.762   -2.414  1.00 1.39  ? 1013 CYS A O   1 
ATOM   98  C  CB  . CYS A 1 13 ? -12.958 8.350   -0.939  1.00 5.04  ? 1013 CYS A CB  1 
ATOM   99  S  SG  . CYS A 1 13 ? -12.914 9.674   -2.179  1.00 0.91  ? 1013 CYS A SG  1 
ATOM   100 N  N   . GLN A 1 14 ? -12.523 6.581   -3.825  1.00 2.24  ? 1014 GLN A N   1 
ATOM   101 C  CA  . GLN A 1 14 ? -11.812 6.375   -5.073  1.00 5.03  ? 1014 GLN A CA  1 
ATOM   102 C  C   . GLN A 1 14 ? -10.797 7.481   -5.325  1.00 7.32  ? 1014 GLN A C   1 
ATOM   103 O  O   . GLN A 1 14 ? -9.717  7.200   -5.839  1.00 0.00  ? 1014 GLN A O   1 
ATOM   104 C  CB  . GLN A 1 14 ? -12.782 6.328   -6.255  1.00 5.56  ? 1014 GLN A CB  1 
ATOM   105 C  CG  . GLN A 1 14 ? -12.420 5.322   -7.333  1.00 6.23  ? 1014 GLN A CG  1 
ATOM   106 C  CD  . GLN A 1 14 ? -13.628 5.029   -8.212  1.00 10.00 ? 1014 GLN A CD  1 
ATOM   107 O  OE1 . GLN A 1 14 ? -13.714 5.462   -9.358  1.00 13.59 ? 1014 GLN A OE1 1 
ATOM   108 N  NE2 . GLN A 1 14 ? -14.571 4.293   -7.650  1.00 5.84  ? 1014 GLN A NE2 1 
ATOM   109 N  N   . HIS A 1 15 ? -11.182 8.705   -4.960  1.00 0.53  ? 1015 HIS A N   1 
ATOM   110 C  CA  . HIS A 1 15 ? -10.275 9.833   -5.070  1.00 0.00  ? 1015 HIS A CA  1 
ATOM   111 C  C   . HIS A 1 15 ? -9.129  9.702   -4.068  1.00 0.78  ? 1015 HIS A C   1 
ATOM   112 O  O   . HIS A 1 15 ? -7.983  9.866   -4.465  1.00 0.00  ? 1015 HIS A O   1 
ATOM   113 C  CB  . HIS A 1 15 ? -10.968 11.181  -4.828  1.00 0.00  ? 1015 HIS A CB  1 
ATOM   114 C  CG  . HIS A 1 15 ? -10.015 12.338  -4.840  1.00 1.91  ? 1015 HIS A CG  1 
ATOM   115 N  ND1 . HIS A 1 15 ? -9.395  12.795  -5.984  1.00 5.45  ? 1015 HIS A ND1 1 
ATOM   116 C  CD2 . HIS A 1 15 ? -9.557  13.127  -3.847  1.00 2.72  ? 1015 HIS A CD2 1 
ATOM   117 C  CE1 . HIS A 1 15 ? -8.603  13.823  -5.704  1.00 1.66  ? 1015 HIS A CE1 1 
ATOM   118 N  NE2 . HIS A 1 15 ? -8.694  14.039  -4.399  1.00 7.67  ? 1015 HIS A NE2 1 
ATOM   119 N  N   . CYS A 1 16 ? -9.466  9.437   -2.803  1.00 0.00  ? 1016 CYS A N   1 
ATOM   120 C  CA  . CYS A 1 16 ? -8.421  9.413   -1.782  1.00 0.00  ? 1016 CYS A CA  1 
ATOM   121 C  C   . CYS A 1 16 ? -7.540  8.185   -1.934  1.00 0.00  ? 1016 CYS A C   1 
ATOM   122 O  O   . CYS A 1 16 ? -6.385  8.198   -1.535  1.00 3.27  ? 1016 CYS A O   1 
ATOM   123 C  CB  . CYS A 1 16 ? -9.024  9.426   -0.376  1.00 12.30 ? 1016 CYS A CB  1 
ATOM   124 S  SG  . CYS A 1 16 ? -9.821  10.995  0.039   1.00 0.00  ? 1016 CYS A SG  1 
ATOM   125 N  N   . VAL A 1 17 ? -8.089  7.113   -2.509  1.00 0.00  ? 1017 VAL A N   1 
ATOM   126 C  CA  . VAL A 1 17 ? -7.246  5.928   -2.661  1.00 9.40  ? 1017 VAL A CA  1 
ATOM   127 C  C   . VAL A 1 17 ? -6.077  6.218   -3.592  1.00 9.34  ? 1017 VAL A C   1 
ATOM   128 O  O   . VAL A 1 17 ? -5.010  5.620   -3.437  1.00 3.50  ? 1017 VAL A O   1 
ATOM   129 C  CB  . VAL A 1 17 ? -8.079  4.732   -3.161  1.00 10.69 ? 1017 VAL A CB  1 
ATOM   130 C  CG1 . VAL A 1 17 ? -7.268  3.843   -4.086  1.00 26.88 ? 1017 VAL A CG1 1 
ATOM   131 C  CG2 . VAL A 1 17 ? -8.597  3.993   -1.939  1.00 0.00  ? 1017 VAL A CG2 1 
ATOM   132 N  N   . LYS A 1 18 ? -6.297  7.140   -4.521  1.00 13.32 ? 1018 LYS A N   1 
ATOM   133 C  CA  . LYS A 1 18 ? -5.285  7.668   -5.422  1.00 11.67 ? 1018 LYS A CA  1 
ATOM   134 C  C   . LYS A 1 18 ? -4.017  8.070   -4.670  1.00 12.41 ? 1018 LYS A C   1 
ATOM   135 O  O   . LYS A 1 18 ? -2.908  7.883   -5.176  1.00 16.48 ? 1018 LYS A O   1 
ATOM   136 C  CB  . LYS A 1 18 ? -5.802  8.901   -6.171  1.00 13.44 ? 1018 LYS A CB  1 
ATOM   137 C  CG  . LYS A 1 18 ? -6.701  8.668   -7.358  1.00 12.57 ? 1018 LYS A CG  1 
ATOM   138 C  CD  . LYS A 1 18 ? -6.659  9.815   -8.353  1.00 18.41 ? 1018 LYS A CD  1 
ATOM   139 C  CE  . LYS A 1 18 ? -6.451  11.178  -7.728  1.00 18.08 ? 1018 LYS A CE  1 
ATOM   140 N  NZ  . LYS A 1 18 ? -7.169  12.277  -8.446  1.00 3.95  ? 1018 LYS A NZ  1 
ATOM   141 N  N   . ALA A 1 19 ? -4.176  8.633   -3.476  1.00 4.66  ? 1019 ALA A N   1 
ATOM   142 C  CA  . ALA A 1 19 ? -3.015  9.099   -2.706  1.00 4.71  ? 1019 ALA A CA  1 
ATOM   143 C  C   . ALA A 1 19 ? -2.248  7.940   -2.083  1.00 1.56  ? 1019 ALA A C   1 
ATOM   144 O  O   . ALA A 1 19 ? -1.021  7.985   -1.946  1.00 8.65  ? 1019 ALA A O   1 
ATOM   145 C  CB  . ALA A 1 19 ? -3.433  10.111  -1.651  1.00 0.00  ? 1019 ALA A CB  1 
ATOM   146 N  N   . VAL A 1 20 ? -2.963  6.890   -1.711  1.00 3.50  ? 1020 VAL A N   1 
ATOM   147 C  CA  . VAL A 1 20 ? -2.350  5.656   -1.244  1.00 10.44 ? 1020 VAL A CA  1 
ATOM   148 C  C   . VAL A 1 20 ? -1.363  5.112   -2.278  1.00 17.67 ? 1020 VAL A C   1 
ATOM   149 O  O   . VAL A 1 20 ? -0.177  4.903   -2.007  1.00 0.00  ? 1020 VAL A O   1 
ATOM   150 C  CB  . VAL A 1 20 ? -3.435  4.608   -0.961  1.00 2.18  ? 1020 VAL A CB  1 
ATOM   151 C  CG1 . VAL A 1 20 ? -2.805  3.256   -0.654  1.00 10.20 ? 1020 VAL A CG1 1 
ATOM   152 C  CG2 . VAL A 1 20 ? -4.345  5.057   0.175   1.00 0.00  ? 1020 VAL A CG2 1 
ATOM   153 N  N   . GLU A 1 21 ? -1.899  4.902   -3.478  1.00 13.60 ? 1021 GLU A N   1 
ATOM   154 C  CA  . GLU A 1 21 ? -1.177  4.378   -4.622  1.00 16.30 ? 1021 GLU A CA  1 
ATOM   155 C  C   . GLU A 1 21 ? 0.076   5.214   -4.888  1.00 8.71  ? 1021 GLU A C   1 
ATOM   156 O  O   . GLU A 1 21 ? 1.123   4.680   -5.248  1.00 6.72  ? 1021 GLU A O   1 
ATOM   157 C  CB  . GLU A 1 21 ? -2.082  4.344   -5.860  1.00 8.57  ? 1021 GLU A CB  1 
ATOM   158 C  CG  . GLU A 1 21 ? -2.731  3.000   -6.137  1.00 15.99 ? 1021 GLU A CG  1 
ATOM   159 C  CD  . GLU A 1 21 ? -3.961  3.079   -7.024  1.00 18.84 ? 1021 GLU A CD  1 
ATOM   160 O  OE1 . GLU A 1 21 ? -4.151  4.097   -7.718  1.00 1.36  ? 1021 GLU A OE1 1 
ATOM   161 O  OE2 . GLU A 1 21 ? -4.764  2.121   -7.047  1.00 20.55 ? 1021 GLU A OE2 1 
ATOM   162 N  N   . THR A 1 22 ? -0.052  6.514   -4.693  1.00 3.52  ? 1022 THR A N   1 
ATOM   163 C  CA  . THR A 1 22 ? 0.960   7.520   -4.952  1.00 6.13  ? 1022 THR A CA  1 
ATOM   164 C  C   . THR A 1 22 ? 2.062   7.494   -3.896  1.00 8.70  ? 1022 THR A C   1 
ATOM   165 O  O   . THR A 1 22 ? 3.237   7.409   -4.261  1.00 27.80 ? 1022 THR A O   1 
ATOM   166 C  CB  . THR A 1 22 ? 0.351   8.937   -4.993  1.00 9.62  ? 1022 THR A CB  1 
ATOM   167 O  OG1 . THR A 1 22 ? -0.367  9.154   -6.214  1.00 12.65 ? 1022 THR A OG1 1 
ATOM   168 C  CG2 . THR A 1 22 ? 1.459   9.981   -4.954  1.00 32.91 ? 1022 THR A CG2 1 
ATOM   169 N  N   . SER A 1 23 ? 1.702   7.558   -2.611  1.00 0.00  ? 1023 SER A N   1 
ATOM   170 C  CA  . SER A 1 23 ? 2.763   7.499   -1.591  1.00 2.02  ? 1023 SER A CA  1 
ATOM   171 C  C   . SER A 1 23 ? 3.450   6.146   -1.519  1.00 0.00  ? 1023 SER A C   1 
ATOM   172 O  O   . SER A 1 23 ? 4.675   6.063   -1.343  1.00 17.57 ? 1023 SER A O   1 
ATOM   173 C  CB  . SER A 1 23 ? 2.191   7.871   -0.220  1.00 8.76  ? 1023 SER A CB  1 
ATOM   174 O  OG  . SER A 1 23 ? 1.000   7.161   0.059   1.00 25.42 ? 1023 SER A OG  1 
ATOM   175 N  N   . VAL A 1 24 ? 2.757   5.017   -1.641  1.00 9.71  ? 1024 VAL A N   1 
ATOM   176 C  CA  . VAL A 1 24 ? 3.491   3.743   -1.607  1.00 13.15 ? 1024 VAL A CA  1 
ATOM   177 C  C   . VAL A 1 24 ? 4.354   3.618   -2.860  1.00 9.02  ? 1024 VAL A C   1 
ATOM   178 O  O   . VAL A 1 24 ? 5.399   2.961   -2.874  1.00 17.56 ? 1024 VAL A O   1 
ATOM   179 C  CB  . VAL A 1 24 ? 2.550   2.540   -1.473  1.00 14.40 ? 1024 VAL A CB  1 
ATOM   180 C  CG1 . VAL A 1 24 ? 3.206   1.267   -1.987  1.00 7.63  ? 1024 VAL A CG1 1 
ATOM   181 C  CG2 . VAL A 1 24 ? 2.110   2.364   -0.021  1.00 19.07 ? 1024 VAL A CG2 1 
ATOM   182 N  N   . GLY A 1 25 ? 3.911   4.288   -3.917  1.00 3.79  ? 1025 GLY A N   1 
ATOM   183 C  CA  . GLY A 1 25 ? 4.659   4.348   -5.159  1.00 2.55  ? 1025 GLY A CA  1 
ATOM   184 C  C   . GLY A 1 25 ? 5.950   5.132   -5.021  1.00 13.84 ? 1025 GLY A C   1 
ATOM   185 O  O   . GLY A 1 25 ? 6.974   4.751   -5.591  1.00 23.16 ? 1025 GLY A O   1 
ATOM   186 N  N   . GLU A 1 26 ? 5.952   6.237   -4.273  1.00 20.86 ? 1026 GLU A N   1 
ATOM   187 C  CA  . GLU A 1 26 ? 7.174   7.045   -4.190  1.00 15.37 ? 1026 GLU A CA  1 
ATOM   188 C  C   . GLU A 1 26 ? 8.256   6.356   -3.366  1.00 18.95 ? 1026 GLU A C   1 
ATOM   189 O  O   . GLU A 1 26 ? 9.375   6.870   -3.260  1.00 21.37 ? 1026 GLU A O   1 
ATOM   190 C  CB  . GLU A 1 26 ? 6.866   8.438   -3.640  1.00 9.85  ? 1026 GLU A CB  1 
ATOM   191 C  CG  . GLU A 1 26 ? 6.868   9.520   -4.697  1.00 18.39 ? 1026 GLU A CG  1 
ATOM   192 C  CD  . GLU A 1 26 ? 5.657   10.406  -4.822  1.00 22.29 ? 1026 GLU A CD  1 
ATOM   193 O  OE1 . GLU A 1 26 ? 5.145   10.959  -3.825  1.00 8.29  ? 1026 GLU A OE1 1 
ATOM   194 O  OE2 . GLU A 1 26 ? 5.181   10.579  -5.970  1.00 30.81 ? 1026 GLU A OE2 1 
ATOM   195 N  N   . LEU A 1 27 ? 7.960   5.194   -2.797  1.00 11.44 ? 1027 LEU A N   1 
ATOM   196 C  CA  . LEU A 1 27 ? 8.935   4.446   -2.017  1.00 2.92  ? 1027 LEU A CA  1 
ATOM   197 C  C   . LEU A 1 27 ? 9.902   3.649   -2.883  1.00 19.20 ? 1027 LEU A C   1 
ATOM   198 O  O   . LEU A 1 27 ? 9.503   2.752   -3.630  1.00 20.61 ? 1027 LEU A O   1 
ATOM   199 C  CB  . LEU A 1 27 ? 8.244   3.485   -1.039  1.00 0.00  ? 1027 LEU A CB  1 
ATOM   200 C  CG  . LEU A 1 27 ? 7.249   4.126   -0.070  1.00 5.65  ? 1027 LEU A CG  1 
ATOM   201 C  CD1 . LEU A 1 27 ? 6.240   3.093   0.412   1.00 0.00  ? 1027 LEU A CD1 1 
ATOM   202 C  CD2 . LEU A 1 27 ? 7.955   4.776   1.113   1.00 14.05 ? 1027 LEU A CD2 1 
ATOM   203 N  N   . ASP A 1 28 ? 11.182  3.994   -2.741  1.00 27.43 ? 1028 ASP A N   1 
ATOM   204 C  CA  . ASP A 1 28 ? 12.236  3.190   -3.351  1.00 31.87 ? 1028 ASP A CA  1 
ATOM   205 C  C   . ASP A 1 28 ? 12.019  1.731   -2.952  1.00 37.25 ? 1028 ASP A C   1 
ATOM   206 O  O   . ASP A 1 28 ? 11.807  1.425   -1.778  1.00 31.20 ? 1028 ASP A O   1 
ATOM   207 C  CB  . ASP A 1 28 ? 13.621  3.667   -2.932  1.00 39.61 ? 1028 ASP A CB  1 
ATOM   208 C  CG  . ASP A 1 28 ? 14.749  2.850   -3.525  1.00 44.17 ? 1028 ASP A CG  1 
ATOM   209 O  OD1 . ASP A 1 28 ? 14.514  2.128   -4.517  1.00 62.50 ? 1028 ASP A OD1 1 
ATOM   210 O  OD2 . ASP A 1 28 ? 15.883  2.923   -3.003  1.00 48.22 ? 1028 ASP A OD2 1 
ATOM   211 N  N   . GLY A 1 29 ? 12.060  0.848   -3.939  1.00 39.20 ? 1029 GLY A N   1 
ATOM   212 C  CA  . GLY A 1 29 ? 11.799  -0.568  -3.726  1.00 28.87 ? 1029 GLY A CA  1 
ATOM   213 C  C   . GLY A 1 29 ? 10.550  -0.977  -4.508  1.00 21.78 ? 1029 GLY A C   1 
ATOM   214 O  O   . GLY A 1 29 ? 10.556  -2.019  -5.153  1.00 7.77  ? 1029 GLY A O   1 
ATOM   215 N  N   . VAL A 1 30 ? 9.551   -0.120  -4.413  1.00 14.85 ? 1030 VAL A N   1 
ATOM   216 C  CA  . VAL A 1 30 ? 8.228   -0.207  -4.982  1.00 11.53 ? 1030 VAL A CA  1 
ATOM   217 C  C   . VAL A 1 30 ? 8.280   -0.115  -6.504  1.00 3.41  ? 1030 VAL A C   1 
ATOM   218 O  O   . VAL A 1 30 ? 8.564   0.946   -7.059  1.00 7.42  ? 1030 VAL A O   1 
ATOM   219 C  CB  . VAL A 1 30 ? 7.315   0.920   -4.455  1.00 16.93 ? 1030 VAL A CB  1 
ATOM   220 C  CG1 . VAL A 1 30 ? 6.231   1.257   -5.468  1.00 13.49 ? 1030 VAL A CG1 1 
ATOM   221 C  CG2 . VAL A 1 30 ? 6.704   0.524   -3.119  1.00 38.65 ? 1030 VAL A CG2 1 
ATOM   222 N  N   . SER A 1 31 ? 8.003   -1.236  -7.148  1.00 12.27 ? 1031 SER A N   1 
ATOM   223 C  CA  . SER A 1 31 ? 8.029   -1.323  -8.605  1.00 23.86 ? 1031 SER A CA  1 
ATOM   224 C  C   . SER A 1 31 ? 6.620   -1.134  -9.159  1.00 29.76 ? 1031 SER A C   1 
ATOM   225 O  O   . SER A 1 31 ? 6.419   -0.921  -10.352 1.00 32.91 ? 1031 SER A O   1 
ATOM   226 C  CB  . SER A 1 31 ? 8.620   -2.666  -9.019  1.00 20.26 ? 1031 SER A CB  1 
ATOM   227 O  OG  . SER A 1 31 ? 9.204   -3.302  -7.887  1.00 18.07 ? 1031 SER A OG  1 
ATOM   228 N  N   . ALA A 1 32 ? 5.666   -1.215  -8.237  1.00 19.36 ? 1032 ALA A N   1 
ATOM   229 C  CA  . ALA A 1 32 ? 4.251   -1.066  -8.516  1.00 24.64 ? 1032 ALA A CA  1 
ATOM   230 C  C   . ALA A 1 32 ? 3.430   -1.293  -7.241  1.00 27.56 ? 1032 ALA A C   1 
ATOM   231 O  O   . ALA A 1 32 ? 3.942   -1.896  -6.297  1.00 21.90 ? 1032 ALA A O   1 
ATOM   232 C  CB  . ALA A 1 32 ? 3.814   -2.036  -9.607  1.00 12.81 ? 1032 ALA A CB  1 
ATOM   233 N  N   . VAL A 1 33 ? 2.200   -0.816  -7.248  1.00 22.43 ? 1033 VAL A N   1 
ATOM   234 C  CA  . VAL A 1 33 ? 1.161   -1.032  -6.249  1.00 1.38  ? 1033 VAL A CA  1 
ATOM   235 C  C   . VAL A 1 33 ? -0.184  -0.694  -6.887  1.00 4.71  ? 1033 VAL A C   1 
ATOM   236 O  O   . VAL A 1 33 ? -0.285  0.189   -7.736  1.00 4.03  ? 1033 VAL A O   1 
ATOM   237 C  CB  . VAL A 1 33 ? 1.350   -0.244  -4.944  1.00 12.23 ? 1033 VAL A CB  1 
ATOM   238 C  CG1 . VAL A 1 33 ? 1.604   1.230   -5.209  1.00 6.07  ? 1033 VAL A CG1 1 
ATOM   239 C  CG2 . VAL A 1 33 ? 0.136   -0.416  -4.027  1.00 0.00  ? 1033 VAL A CG2 1 
ATOM   240 N  N   . HIS A 1 34 ? -1.208  -1.435  -6.503  1.00 8.79  ? 1034 HIS A N   1 
ATOM   241 C  CA  . HIS A 1 34 ? -2.553  -1.174  -7.020  1.00 11.28 ? 1034 HIS A CA  1 
ATOM   242 C  C   . HIS A 1 34 ? -3.492  -1.363  -5.837  1.00 5.65  ? 1034 HIS A C   1 
ATOM   243 O  O   . HIS A 1 34 ? -3.440  -2.345  -5.101  1.00 17.84 ? 1034 HIS A O   1 
ATOM   244 C  CB  . HIS A 1 34 ? -2.861  -2.022  -8.238  1.00 13.96 ? 1034 HIS A CB  1 
ATOM   245 C  CG  . HIS A 1 34 ? -3.965  -3.019  -8.162  1.00 19.13 ? 1034 HIS A CG  1 
ATOM   246 N  ND1 . HIS A 1 34 ? -5.178  -2.841  -8.798  1.00 16.62 ? 1034 HIS A ND1 1 
ATOM   247 C  CD2 . HIS A 1 34 ? -4.054  -4.217  -7.538  1.00 12.98 ? 1034 HIS A CD2 1 
ATOM   248 C  CE1 . HIS A 1 34 ? -5.962  -3.878  -8.563  1.00 16.00 ? 1034 HIS A CE1 1 
ATOM   249 N  NE2 . HIS A 1 34 ? -5.304  -4.735  -7.797  1.00 11.55 ? 1034 HIS A NE2 1 
ATOM   250 N  N   . VAL A 1 35 ? -4.330  -0.349  -5.646  1.00 5.23  ? 1035 VAL A N   1 
ATOM   251 C  CA  . VAL A 1 35 ? -5.224  -0.385  -4.492  1.00 9.79  ? 1035 VAL A CA  1 
ATOM   252 C  C   . VAL A 1 35 ? -6.567  -0.950  -4.923  1.00 12.30 ? 1035 VAL A C   1 
ATOM   253 O  O   . VAL A 1 35 ? -7.202  -0.413  -5.834  1.00 22.85 ? 1035 VAL A O   1 
ATOM   254 C  CB  . VAL A 1 35 ? -5.407  1.011   -3.877  1.00 0.27  ? 1035 VAL A CB  1 
ATOM   255 C  CG1 . VAL A 1 35 ? -6.400  0.967   -2.728  1.00 15.10 ? 1035 VAL A CG1 1 
ATOM   256 C  CG2 . VAL A 1 35 ? -4.072  1.580   -3.420  1.00 4.70  ? 1035 VAL A CG2 1 
ATOM   257 N  N   . ASN A 1 36 ? -6.995  -2.023  -4.265  1.00 7.97  ? 1036 ASN A N   1 
ATOM   258 C  CA  . ASN A 1 36 ? -8.320  -2.556  -4.560  1.00 11.99 ? 1036 ASN A CA  1 
ATOM   259 C  C   . ASN A 1 36 ? -9.323  -2.101  -3.502  1.00 9.19  ? 1036 ASN A C   1 
ATOM   260 O  O   . ASN A 1 36 ? -9.591  -2.815  -2.537  1.00 17.65 ? 1036 ASN A O   1 
ATOM   261 C  CB  . ASN A 1 36 ? -8.300  -4.082  -4.646  1.00 15.36 ? 1036 ASN A CB  1 
ATOM   262 C  CG  . ASN A 1 36 ? -9.616  -4.624  -5.173  1.00 13.06 ? 1036 ASN A CG  1 
ATOM   263 O  OD1 . ASN A 1 36 ? -10.696 -4.150  -4.818  1.00 20.20 ? 1036 ASN A OD1 1 
ATOM   264 N  ND2 . ASN A 1 36 ? -9.519  -5.628  -6.036  1.00 28.93 ? 1036 ASN A ND2 1 
ATOM   265 N  N   . LEU A 1 37 ? -9.860  -0.911  -3.716  1.00 8.92  ? 1037 LEU A N   1 
ATOM   266 C  CA  . LEU A 1 37 ? -10.808 -0.286  -2.812  1.00 6.12  ? 1037 LEU A CA  1 
ATOM   267 C  C   . LEU A 1 37 ? -11.898 -1.204  -2.295  1.00 12.87 ? 1037 LEU A C   1 
ATOM   268 O  O   . LEU A 1 37 ? -12.352 -1.073  -1.154  1.00 8.50  ? 1037 LEU A O   1 
ATOM   269 C  CB  . LEU A 1 37 ? -11.484 0.885   -3.544  1.00 9.22  ? 1037 LEU A CB  1 
ATOM   270 C  CG  . LEU A 1 37 ? -12.423 1.735   -2.684  1.00 14.78 ? 1037 LEU A CG  1 
ATOM   271 C  CD1 . LEU A 1 37 ? -11.605 2.608   -1.741  1.00 16.73 ? 1037 LEU A CD1 1 
ATOM   272 C  CD2 . LEU A 1 37 ? -13.339 2.580   -3.554  1.00 14.03 ? 1037 LEU A CD2 1 
ATOM   273 N  N   . GLU A 1 38 ? -12.382 -2.145  -3.107  1.00 16.68 ? 1038 GLU A N   1 
ATOM   274 C  CA  . GLU A 1 38 ? -13.547 -2.907  -2.642  1.00 19.93 ? 1038 GLU A CA  1 
ATOM   275 C  C   . GLU A 1 38 ? -13.150 -4.118  -1.806  1.00 19.27 ? 1038 GLU A C   1 
ATOM   276 O  O   . GLU A 1 38 ? -13.934 -4.569  -0.965  1.00 22.87 ? 1038 GLU A O   1 
ATOM   277 C  CB  . GLU A 1 38 ? -14.405 -3.320  -3.839  1.00 30.37 ? 1038 GLU A CB  1 
ATOM   278 C  CG  . GLU A 1 38 ? -15.055 -2.148  -4.562  1.00 33.67 ? 1038 GLU A CG  1 
ATOM   279 C  CD  . GLU A 1 38 ? -14.091 -1.430  -5.487  1.00 42.26 ? 1038 GLU A CD  1 
ATOM   280 O  OE1 . GLU A 1 38 ? -13.245 -2.115  -6.101  1.00 46.05 ? 1038 GLU A OE1 1 
ATOM   281 O  OE2 . GLU A 1 38 ? -14.178 -0.189  -5.598  1.00 53.53 ? 1038 GLU A OE2 1 
ATOM   282 N  N   . ALA A 1 39 ? -11.949 -4.646  -2.018  1.00 17.76 ? 1039 ALA A N   1 
ATOM   283 C  CA  . ALA A 1 39 ? -11.466 -5.765  -1.220  1.00 20.88 ? 1039 ALA A CA  1 
ATOM   284 C  C   . ALA A 1 39 ? -10.637 -5.270  -0.035  1.00 26.26 ? 1039 ALA A C   1 
ATOM   285 O  O   . ALA A 1 39 ? -10.132 -6.077  0.749   1.00 27.62 ? 1039 ALA A O   1 
ATOM   286 C  CB  . ALA A 1 39 ? -10.631 -6.721  -2.053  1.00 3.47  ? 1039 ALA A CB  1 
ATOM   287 N  N   . GLY A 1 40 ? -10.495 -3.950  0.083   1.00 21.42 ? 1040 GLY A N   1 
ATOM   288 C  CA  . GLY A 1 40 ? -9.677  -3.408  1.172   1.00 24.72 ? 1040 GLY A CA  1 
ATOM   289 C  C   . GLY A 1 40 ? -8.280  -3.995  1.073   1.00 23.41 ? 1040 GLY A C   1 
ATOM   290 O  O   . GLY A 1 40 ? -7.631  -4.395  2.035   1.00 0.48  ? 1040 GLY A O   1 
ATOM   291 N  N   . LYS A 1 41 ? -7.808  -4.051  -0.175  1.00 18.98 ? 1041 LYS A N   1 
ATOM   292 C  CA  . LYS A 1 41 ? -6.536  -4.714  -0.435  1.00 12.44 ? 1041 LYS A CA  1 
ATOM   293 C  C   . LYS A 1 41 ? -5.556  -3.816  -1.170  1.00 12.97 ? 1041 LYS A C   1 
ATOM   294 O  O   . LYS A 1 41 ? -5.930  -3.081  -2.081  1.00 9.33  ? 1041 LYS A O   1 
ATOM   295 C  CB  . LYS A 1 41 ? -6.833  -5.999  -1.228  1.00 13.13 ? 1041 LYS A CB  1 
ATOM   296 C  CG  . LYS A 1 41 ? -7.570  -7.023  -0.378  1.00 10.41 ? 1041 LYS A CG  1 
ATOM   297 C  CD  . LYS A 1 41 ? -7.784  -8.337  -1.110  1.00 16.36 ? 1041 LYS A CD  1 
ATOM   298 C  CE  . LYS A 1 41 ? -8.954  -9.104  -0.506  1.00 16.55 ? 1041 LYS A CE  1 
ATOM   299 N  NZ  . LYS A 1 41 ? -9.844  -9.678  -1.552  1.00 20.62 ? 1041 LYS A NZ  1 
ATOM   300 N  N   . VAL A 1 42 ? -4.289  -3.872  -0.773  1.00 3.58  ? 1042 VAL A N   1 
ATOM   301 C  CA  . VAL A 1 42 ? -3.227  -3.135  -1.429  1.00 8.30  ? 1042 VAL A CA  1 
ATOM   302 C  C   . VAL A 1 42 ? -2.163  -4.099  -1.961  1.00 20.00 ? 1042 VAL A C   1 
ATOM   303 O  O   . VAL A 1 42 ? -1.036  -4.095  -1.459  1.00 40.53 ? 1042 VAL A O   1 
ATOM   304 C  CB  . VAL A 1 42 ? -2.520  -2.122  -0.510  1.00 0.00  ? 1042 VAL A CB  1 
ATOM   305 C  CG1 . VAL A 1 42 ? -1.519  -1.294  -1.313  1.00 2.12  ? 1042 VAL A CG1 1 
ATOM   306 C  CG2 . VAL A 1 42 ? -3.515  -1.201  0.171   1.00 0.00  ? 1042 VAL A CG2 1 
ATOM   307 N  N   . ASP A 1 43 ? -2.532  -4.909  -2.946  1.00 17.29 ? 1043 ASP A N   1 
ATOM   308 C  CA  . ASP A 1 43 ? -1.560  -5.830  -3.544  1.00 18.82 ? 1043 ASP A CA  1 
ATOM   309 C  C   . ASP A 1 43 ? -0.344  -5.026  -3.999  1.00 15.27 ? 1043 ASP A C   1 
ATOM   310 O  O   . ASP A 1 43 ? -0.452  -4.083  -4.789  1.00 23.83 ? 1043 ASP A O   1 
ATOM   311 C  CB  . ASP A 1 43 ? -2.161  -6.618  -4.696  1.00 21.25 ? 1043 ASP A CB  1 
ATOM   312 C  CG  . ASP A 1 43 ? -3.114  -7.734  -4.337  1.00 32.08 ? 1043 ASP A CG  1 
ATOM   313 O  OD1 . ASP A 1 43 ? -2.918  -8.896  -4.778  1.00 9.12  ? 1043 ASP A OD1 1 
ATOM   314 O  OD2 . ASP A 1 43 ? -4.114  -7.489  -3.609  1.00 38.52 ? 1043 ASP A OD2 1 
ATOM   315 N  N   . VAL A 1 44 ? 0.831   -5.365  -3.474  1.00 6.01  ? 1044 VAL A N   1 
ATOM   316 C  CA  . VAL A 1 44 ? 2.033   -4.621  -3.863  1.00 2.63  ? 1044 VAL A CA  1 
ATOM   317 C  C   . VAL A 1 44 ? 3.060   -5.618  -4.401  1.00 13.01 ? 1044 VAL A C   1 
ATOM   318 O  O   . VAL A 1 44 ? 2.864   -6.810  -4.138  1.00 21.86 ? 1044 VAL A O   1 
ATOM   319 C  CB  . VAL A 1 44 ? 2.588   -3.779  -2.708  1.00 13.25 ? 1044 VAL A CB  1 
ATOM   320 C  CG1 . VAL A 1 44 ? 3.057   -4.648  -1.549  1.00 16.50 ? 1044 VAL A CG1 1 
ATOM   321 C  CG2 . VAL A 1 44 ? 3.729   -2.887  -3.179  1.00 6.84  ? 1044 VAL A CG2 1 
ATOM   322 N  N   . SER A 1 45 ? 4.057   -5.151  -5.112  1.00 17.78 ? 1045 SER A N   1 
ATOM   323 C  CA  . SER A 1 45 ? 5.211   -5.812  -5.689  1.00 22.93 ? 1045 SER A CA  1 
ATOM   324 C  C   . SER A 1 45 ? 6.455   -4.946  -5.507  1.00 21.73 ? 1045 SER A C   1 
ATOM   325 O  O   . SER A 1 45 ? 6.394   -3.726  -5.662  1.00 15.93 ? 1045 SER A O   1 
ATOM   326 C  CB  . SER A 1 45 ? 5.037   -6.092  -7.183  1.00 25.74 ? 1045 SER A CB  1 
ATOM   327 O  OG  . SER A 1 45 ? 5.624   -5.059  -7.960  1.00 17.48 ? 1045 SER A OG  1 
ATOM   328 N  N   . PHE A 1 46 ? 7.592   -5.550  -5.160  1.00 19.53 ? 1046 PHE A N   1 
ATOM   329 C  CA  . PHE A 1 46 ? 8.727   -4.702  -4.808  1.00 22.20 ? 1046 PHE A CA  1 
ATOM   330 C  C   . PHE A 1 46 ? 10.026  -5.481  -4.687  1.00 26.36 ? 1046 PHE A C   1 
ATOM   331 O  O   . PHE A 1 46 ? 10.048  -6.704  -4.803  1.00 46.42 ? 1046 PHE A O   1 
ATOM   332 C  CB  . PHE A 1 46 ? 8.440   -4.005  -3.469  1.00 34.73 ? 1046 PHE A CB  1 
ATOM   333 C  CG  . PHE A 1 46 ? 8.540   -4.933  -2.267  1.00 41.91 ? 1046 PHE A CG  1 
ATOM   334 C  CD1 . PHE A 1 46 ? 7.917   -6.169  -2.246  1.00 47.04 ? 1046 PHE A CD1 1 
ATOM   335 C  CD2 . PHE A 1 46 ? 9.269   -4.560  -1.153  1.00 44.68 ? 1046 PHE A CD2 1 
ATOM   336 C  CE1 . PHE A 1 46 ? 8.020   -7.009  -1.155  1.00 49.96 ? 1046 PHE A CE1 1 
ATOM   337 C  CE2 . PHE A 1 46 ? 9.381   -5.388  -0.052  1.00 45.88 ? 1046 PHE A CE2 1 
ATOM   338 C  CZ  . PHE A 1 46 ? 8.756   -6.619  -0.052  1.00 48.85 ? 1046 PHE A CZ  1 
ATOM   339 N  N   . ASP A 1 47 ? 11.102  -4.739  -4.436  1.00 18.08 ? 1047 ASP A N   1 
ATOM   340 C  CA  . ASP A 1 47 ? 12.386  -5.351  -4.130  1.00 20.45 ? 1047 ASP A CA  1 
ATOM   341 C  C   . ASP A 1 47 ? 12.514  -5.377  -2.604  1.00 22.96 ? 1047 ASP A C   1 
ATOM   342 O  O   . ASP A 1 47 ? 12.675  -4.325  -1.989  1.00 23.51 ? 1047 ASP A O   1 
ATOM   343 C  CB  . ASP A 1 47 ? 13.561  -4.622  -4.756  1.00 19.00 ? 1047 ASP A CB  1 
ATOM   344 C  CG  . ASP A 1 47 ? 14.877  -5.367  -4.715  1.00 16.03 ? 1047 ASP A CG  1 
ATOM   345 O  OD1 . ASP A 1 47 ? 15.088  -6.246  -3.848  1.00 9.53  ? 1047 ASP A OD1 1 
ATOM   346 O  OD2 . ASP A 1 47 ? 15.725  -5.059  -5.582  1.00 18.13 ? 1047 ASP A OD2 1 
ATOM   347 N  N   . ALA A 1 48 ? 12.439  -6.588  -2.076  1.00 17.07 ? 1048 ALA A N   1 
ATOM   348 C  CA  . ALA A 1 48 ? 12.463  -6.906  -0.658  1.00 18.33 ? 1048 ALA A CA  1 
ATOM   349 C  C   . ALA A 1 48 ? 13.774  -6.487  -0.008  1.00 24.32 ? 1048 ALA A C   1 
ATOM   350 O  O   . ALA A 1 48 ? 13.912  -6.393  1.212   1.00 20.26 ? 1048 ALA A O   1 
ATOM   351 C  CB  . ALA A 1 48 ? 12.204  -8.397  -0.481  1.00 14.97 ? 1048 ALA A CB  1 
ATOM   352 N  N   . ASP A 1 49 ? 14.776  -6.227  -0.843  1.00 31.51 ? 1049 ASP A N   1 
ATOM   353 C  CA  . ASP A 1 49 ? 16.049  -5.700  -0.392  1.00 30.67 ? 1049 ASP A CA  1 
ATOM   354 C  C   . ASP A 1 49 ? 16.024  -4.181  -0.285  1.00 27.18 ? 1049 ASP A C   1 
ATOM   355 O  O   . ASP A 1 49 ? 16.947  -3.577  0.258   1.00 12.28 ? 1049 ASP A O   1 
ATOM   356 C  CB  . ASP A 1 49 ? 17.156  -6.127  -1.359  1.00 27.95 ? 1049 ASP A CB  1 
ATOM   357 C  CG  . ASP A 1 49 ? 17.316  -7.626  -1.489  1.00 28.98 ? 1049 ASP A CG  1 
ATOM   358 O  OD1 . ASP A 1 49 ? 16.447  -8.279  -2.106  1.00 51.84 ? 1049 ASP A OD1 1 
ATOM   359 O  OD2 . ASP A 1 49 ? 18.323  -8.162  -0.976  1.00 29.29 ? 1049 ASP A OD2 1 
ATOM   360 N  N   . LYS A 1 50 ? 14.991  -3.523  -0.807  1.00 24.72 ? 1050 LYS A N   1 
ATOM   361 C  CA  . LYS A 1 50 ? 15.088  -2.068  -0.930  1.00 18.27 ? 1050 LYS A CA  1 
ATOM   362 C  C   . LYS A 1 50 ? 14.030  -1.312  -0.144  1.00 13.85 ? 1050 LYS A C   1 
ATOM   363 O  O   . LYS A 1 50 ? 14.070  -0.081  -0.056  1.00 15.11 ? 1050 LYS A O   1 
ATOM   364 C  CB  . LYS A 1 50 ? 15.006  -1.696  -2.418  1.00 16.82 ? 1050 LYS A CB  1 
ATOM   365 C  CG  . LYS A 1 50 ? 16.310  -1.857  -3.184  1.00 15.79 ? 1050 LYS A CG  1 
ATOM   366 C  CD  . LYS A 1 50 ? 16.526  -0.711  -4.163  1.00 10.40 ? 1050 LYS A CD  1 
ATOM   367 C  CE  . LYS A 1 50 ? 16.956  -1.219  -5.528  1.00 16.57 ? 1050 LYS A CE  1 
ATOM   368 N  NZ  . LYS A 1 50 ? 17.337  -0.085  -6.421  1.00 9.10  ? 1050 LYS A NZ  1 
ATOM   369 N  N   . VAL A 1 51 ? 13.080  -2.027  0.428   1.00 9.00  ? 1051 VAL A N   1 
ATOM   370 C  CA  . VAL A 1 51 ? 12.023  -1.448  1.255   1.00 9.64  ? 1051 VAL A CA  1 
ATOM   371 C  C   . VAL A 1 51 ? 11.332  -2.598  1.980   1.00 0.26  ? 1051 VAL A C   1 
ATOM   372 O  O   . VAL A 1 51 ? 11.454  -3.744  1.537   1.00 26.42 ? 1051 VAL A O   1 
ATOM   373 C  CB  . VAL A 1 51 ? 11.015  -0.618  0.449   1.00 8.59  ? 1051 VAL A CB  1 
ATOM   374 C  CG1 . VAL A 1 51 ? 10.299  -1.484  -0.582  1.00 0.00  ? 1051 VAL A CG1 1 
ATOM   375 C  CG2 . VAL A 1 51 ? 9.987   0.053   1.352   1.00 1.48  ? 1051 VAL A CG2 1 
ATOM   376 N  N   . SER A 1 52 ? 10.638  -2.312  3.071   1.00 9.43  ? 1052 SER A N   1 
ATOM   377 C  CA  . SER A 1 52 ? 9.956   -3.364  3.824   1.00 10.17 ? 1052 SER A CA  1 
ATOM   378 C  C   . SER A 1 52 ? 8.452   -3.149  3.808   1.00 0.00  ? 1052 SER A C   1 
ATOM   379 O  O   . SER A 1 52 ? 7.963   -2.069  3.473   1.00 10.33 ? 1052 SER A O   1 
ATOM   380 C  CB  . SER A 1 52 ? 10.472  -3.401  5.263   1.00 4.48  ? 1052 SER A CB  1 
ATOM   381 O  OG  . SER A 1 52 ? 10.232  -2.180  5.952   1.00 4.95  ? 1052 SER A OG  1 
ATOM   382 N  N   . VAL A 1 53 ? 7.699   -4.171  4.191   1.00 10.68 ? 1053 VAL A N   1 
ATOM   383 C  CA  . VAL A 1 53 ? 6.261   -3.992  4.361   1.00 13.74 ? 1053 VAL A CA  1 
ATOM   384 C  C   . VAL A 1 53 ? 5.965   -2.895  5.389   1.00 14.26 ? 1053 VAL A C   1 
ATOM   385 O  O   . VAL A 1 53 ? 5.019   -2.134  5.190   1.00 9.57  ? 1053 VAL A O   1 
ATOM   386 C  CB  . VAL A 1 53 ? 5.574   -5.291  4.815   1.00 12.64 ? 1053 VAL A CB  1 
ATOM   387 C  CG1 . VAL A 1 53 ? 4.074   -5.231  4.573   1.00 16.64 ? 1053 VAL A CG1 1 
ATOM   388 C  CG2 . VAL A 1 53 ? 6.184   -6.492  4.105   1.00 23.08 ? 1053 VAL A CG2 1 
ATOM   389 N  N   . LYS A 1 54 ? 6.743   -2.853  6.456   1.00 6.80  ? 1054 LYS A N   1 
ATOM   390 C  CA  . LYS A 1 54 ? 6.632   -1.952  7.592   1.00 18.11 ? 1054 LYS A CA  1 
ATOM   391 C  C   . LYS A 1 54 ? 6.529   -0.503  7.137   1.00 21.40 ? 1054 LYS A C   1 
ATOM   392 O  O   . LYS A 1 54 ? 5.646   0.270   7.503   1.00 5.99  ? 1054 LYS A O   1 
ATOM   393 C  CB  . LYS A 1 54 ? 7.840   -2.105  8.530   1.00 22.07 ? 1054 LYS A CB  1 
ATOM   394 C  CG  . LYS A 1 54 ? 7.739   -1.311  9.821   1.00 29.13 ? 1054 LYS A CG  1 
ATOM   395 C  CD  . LYS A 1 54 ? 8.733   -0.165  9.901   1.00 32.84 ? 1054 LYS A CD  1 
ATOM   396 C  CE  . LYS A 1 54 ? 8.371   0.820   11.003  1.00 30.52 ? 1054 LYS A CE  1 
ATOM   397 N  NZ  . LYS A 1 54 ? 9.391   1.895   11.175  1.00 8.67  ? 1054 LYS A NZ  1 
ATOM   398 N  N   . ASP A 1 55 ? 7.483   -0.115  6.289   1.00 17.25 ? 1055 ASP A N   1 
ATOM   399 C  CA  . ASP A 1 55 ? 7.384   1.238   5.726   1.00 27.81 ? 1055 ASP A CA  1 
ATOM   400 C  C   . ASP A 1 55 ? 6.070   1.369   4.965   1.00 22.21 ? 1055 ASP A C   1 
ATOM   401 O  O   . ASP A 1 55 ? 5.234   2.168   5.395   1.00 14.09 ? 1055 ASP A O   1 
ATOM   402 C  CB  . ASP A 1 55 ? 8.641   1.506   4.900   1.00 39.46 ? 1055 ASP A CB  1 
ATOM   403 C  CG  . ASP A 1 55 ? 9.863   1.354   5.805   1.00 42.28 ? 1055 ASP A CG  1 
ATOM   404 O  OD1 . ASP A 1 55 ? 9.764   1.771   6.981   1.00 32.27 ? 1055 ASP A OD1 1 
ATOM   405 O  OD2 . ASP A 1 55 ? 10.894  0.818   5.357   1.00 11.56 ? 1055 ASP A OD2 1 
ATOM   406 N  N   . ILE A 1 56 ? 5.884   0.585   3.920   1.00 19.40 ? 1056 ILE A N   1 
ATOM   407 C  CA  . ILE A 1 56 ? 4.682   0.465   3.114   1.00 18.53 ? 1056 ILE A CA  1 
ATOM   408 C  C   . ILE A 1 56 ? 3.397   0.532   3.925   1.00 17.08 ? 1056 ILE A C   1 
ATOM   409 O  O   . ILE A 1 56 ? 2.485   1.320   3.667   1.00 0.00  ? 1056 ILE A O   1 
ATOM   410 C  CB  . ILE A 1 56 ? 4.674   -0.870  2.343   1.00 15.73 ? 1056 ILE A CB  1 
ATOM   411 C  CG1 . ILE A 1 56 ? 5.815   -1.016  1.332   1.00 16.18 ? 1056 ILE A CG1 1 
ATOM   412 C  CG2 . ILE A 1 56 ? 3.332   -1.087  1.668   1.00 6.99  ? 1056 ILE A CG2 1 
ATOM   413 C  CD1 . ILE A 1 56 ? 5.491   -2.004  0.230   1.00 10.37 ? 1056 ILE A CD1 1 
ATOM   414 N  N   . ALA A 1 57 ? 3.309   -0.333  4.932   1.00 18.15 ? 1057 ALA A N   1 
ATOM   415 C  CA  . ALA A 1 57 ? 2.210   -0.225  5.881   1.00 16.37 ? 1057 ALA A CA  1 
ATOM   416 C  C   . ALA A 1 57 ? 2.237   1.167   6.505   1.00 11.65 ? 1057 ALA A C   1 
ATOM   417 O  O   . ALA A 1 57 ? 1.218   1.854   6.518   1.00 15.88 ? 1057 ALA A O   1 
ATOM   418 C  CB  . ALA A 1 57 ? 2.288   -1.304  6.946   1.00 22.64 ? 1057 ALA A CB  1 
ATOM   419 N  N   . ASP A 1 58 ? 3.403   1.570   7.004   1.00 13.71 ? 1058 ASP A N   1 
ATOM   420 C  CA  . ASP A 1 58 ? 3.548   2.887   7.609   1.00 15.67 ? 1058 ASP A CA  1 
ATOM   421 C  C   . ASP A 1 58 ? 3.054   3.965   6.644   1.00 24.70 ? 1058 ASP A C   1 
ATOM   422 O  O   . ASP A 1 58 ? 2.429   4.947   7.034   1.00 13.38 ? 1058 ASP A O   1 
ATOM   423 C  CB  . ASP A 1 58 ? 4.988   3.181   8.013   1.00 18.12 ? 1058 ASP A CB  1 
ATOM   424 C  CG  . ASP A 1 58 ? 5.481   2.448   9.243   1.00 20.07 ? 1058 ASP A CG  1 
ATOM   425 O  OD1 . ASP A 1 58 ? 4.673   1.829   9.973   1.00 6.75  ? 1058 ASP A OD1 1 
ATOM   426 O  OD2 . ASP A 1 58 ? 6.713   2.476   9.471   1.00 16.06 ? 1058 ASP A OD2 1 
ATOM   427 N  N   . ALA A 1 59 ? 3.337   3.791   5.352   1.00 23.37 ? 1059 ALA A N   1 
ATOM   428 C  CA  . ALA A 1 59 ? 2.943   4.842   4.413   1.00 18.89 ? 1059 ALA A CA  1 
ATOM   429 C  C   . ALA A 1 59 ? 1.437   4.784   4.184   1.00 10.96 ? 1059 ALA A C   1 
ATOM   430 O  O   . ALA A 1 59 ? 0.813   5.741   3.720   1.00 20.64 ? 1059 ALA A O   1 
ATOM   431 C  CB  . ALA A 1 59 ? 3.742   4.722   3.128   1.00 0.00  ? 1059 ALA A CB  1 
ATOM   432 N  N   . ILE A 1 60 ? 0.844   3.647   4.529   1.00 5.77  ? 1060 ILE A N   1 
ATOM   433 C  CA  . ILE A 1 60 ? -0.588  3.451   4.356   1.00 6.50  ? 1060 ILE A CA  1 
ATOM   434 C  C   . ILE A 1 60 ? -1.348  3.957   5.577   1.00 0.00  ? 1060 ILE A C   1 
ATOM   435 O  O   . ILE A 1 60 ? -2.471  4.428   5.436   1.00 10.00 ? 1060 ILE A O   1 
ATOM   436 C  CB  . ILE A 1 60 ? -0.972  1.983   4.138   1.00 4.72  ? 1060 ILE A CB  1 
ATOM   437 C  CG1 . ILE A 1 60 ? -0.730  1.454   2.723   1.00 1.73  ? 1060 ILE A CG1 1 
ATOM   438 C  CG2 . ILE A 1 60 ? -2.420  1.744   4.546   1.00 30.13 ? 1060 ILE A CG2 1 
ATOM   439 C  CD1 . ILE A 1 60 ? -0.871  -0.058  2.674   1.00 2.40  ? 1060 ILE A CD1 1 
ATOM   440 N  N   . GLU A 1 61 ? -0.699  3.847   6.737   1.00 0.43  ? 1061 GLU A N   1 
ATOM   441 C  CA  . GLU A 1 61 ? -1.358  4.285   7.968   1.00 6.22  ? 1061 GLU A CA  1 
ATOM   442 C  C   . GLU A 1 61 ? -1.274  5.793   8.099   1.00 0.73  ? 1061 GLU A C   1 
ATOM   443 O  O   . GLU A 1 61 ? -2.126  6.409   8.746   1.00 10.83 ? 1061 GLU A O   1 
ATOM   444 C  CB  . GLU A 1 61 ? -0.748  3.513   9.146   1.00 9.43  ? 1061 GLU A CB  1 
ATOM   445 C  CG  . GLU A 1 61 ? -0.962  2.003   8.974   1.00 12.15 ? 1061 GLU A CG  1 
ATOM   446 C  CD  . GLU A 1 61 ? -1.294  1.302   10.275  1.00 18.88 ? 1061 GLU A CD  1 
ATOM   447 O  OE1 . GLU A 1 61 ? -0.690  1.674   11.305  1.00 11.17 ? 1061 GLU A OE1 1 
ATOM   448 O  OE2 . GLU A 1 61 ? -2.156  0.391   10.271  1.00 11.49 ? 1061 GLU A OE2 1 
ATOM   449 N  N   . ASP A 1 62 ? -0.279  6.406   7.459   1.00 0.00  ? 1062 ASP A N   1 
ATOM   450 C  CA  . ASP A 1 62 ? -0.178  7.858   7.469   1.00 0.63  ? 1062 ASP A CA  1 
ATOM   451 C  C   . ASP A 1 62 ? -1.295  8.508   6.651   1.00 0.00  ? 1062 ASP A C   1 
ATOM   452 O  O   . ASP A 1 62 ? -1.432  9.721   6.773   1.00 6.23  ? 1062 ASP A O   1 
ATOM   453 C  CB  . ASP A 1 62 ? 1.174   8.346   6.940   1.00 11.14 ? 1062 ASP A CB  1 
ATOM   454 C  CG  . ASP A 1 62 ? 2.324   8.133   7.900   1.00 19.60 ? 1062 ASP A CG  1 
ATOM   455 O  OD1 . ASP A 1 62 ? 2.141   8.358   9.116   1.00 23.19 ? 1062 ASP A OD1 1 
ATOM   456 O  OD2 . ASP A 1 62 ? 3.423   7.747   7.447   1.00 21.23 ? 1062 ASP A OD2 1 
ATOM   457 N  N   . GLN A 1 63 ? -2.048  7.751   5.861   1.00 7.58  ? 1063 GLN A N   1 
ATOM   458 C  CA  . GLN A 1 63 ? -3.210  8.279   5.152   1.00 8.41  ? 1063 GLN A CA  1 
ATOM   459 C  C   . GLN A 1 63 ? -4.427  8.217   6.086   1.00 2.44  ? 1063 GLN A C   1 
ATOM   460 O  O   . GLN A 1 63 ? -5.467  8.803   5.806   1.00 3.16  ? 1063 GLN A O   1 
ATOM   461 C  CB  . GLN A 1 63 ? -3.540  7.516   3.879   1.00 0.00  ? 1063 GLN A CB  1 
ATOM   462 C  CG  . GLN A 1 63 ? -2.619  7.709   2.690   1.00 4.84  ? 1063 GLN A CG  1 
ATOM   463 C  CD  . GLN A 1 63 ? -2.566  9.135   2.188   1.00 6.29  ? 1063 GLN A CD  1 
ATOM   464 O  OE1 . GLN A 1 63 ? -3.584  9.748   1.845   1.00 7.37  ? 1063 GLN A OE1 1 
ATOM   465 N  NE2 . GLN A 1 63 ? -1.356  9.685   2.141   1.00 5.97  ? 1063 GLN A NE2 1 
ATOM   466 N  N   . GLY A 1 64 ? -4.229  7.461   7.159   1.00 0.00  ? 1064 GLY A N   1 
ATOM   467 C  CA  . GLY A 1 64 ? -5.152  7.151   8.200   1.00 0.00  ? 1064 GLY A CA  1 
ATOM   468 C  C   . GLY A 1 64 ? -5.859  5.828   8.110   1.00 4.42  ? 1064 GLY A C   1 
ATOM   469 O  O   . GLY A 1 64 ? -6.889  5.639   8.773   1.00 3.21  ? 1064 GLY A O   1 
ATOM   470 N  N   . TYR A 1 65 ? -5.375  4.863   7.314   1.00 0.00  ? 1065 TYR A N   1 
ATOM   471 C  CA  . TYR A 1 65 ? -6.113  3.599   7.290   1.00 0.00  ? 1065 TYR A CA  1 
ATOM   472 C  C   . TYR A 1 65 ? -5.476  2.588   8.239   1.00 13.33 ? 1065 TYR A C   1 
ATOM   473 O  O   . TYR A 1 65 ? -4.417  2.839   8.828   1.00 20.15 ? 1065 TYR A O   1 
ATOM   474 C  CB  . TYR A 1 65 ? -6.198  3.059   5.861   1.00 3.47  ? 1065 TYR A CB  1 
ATOM   475 C  CG  . TYR A 1 65 ? -6.680  4.063   4.833   1.00 0.16  ? 1065 TYR A CG  1 
ATOM   476 C  CD1 . TYR A 1 65 ? -8.003  4.455   4.740   1.00 0.00  ? 1065 TYR A CD1 1 
ATOM   477 C  CD2 . TYR A 1 65 ? -5.790  4.640   3.938   1.00 0.00  ? 1065 TYR A CD2 1 
ATOM   478 C  CE1 . TYR A 1 65 ? -8.448  5.379   3.799   1.00 0.00  ? 1065 TYR A CE1 1 
ATOM   479 C  CE2 . TYR A 1 65 ? -6.210  5.557   2.996   1.00 0.00  ? 1065 TYR A CE2 1 
ATOM   480 C  CZ  . TYR A 1 65 ? -7.542  5.928   2.924   1.00 2.97  ? 1065 TYR A CZ  1 
ATOM   481 O  OH  . TYR A 1 65 ? -7.912  6.851   1.968   1.00 0.00  ? 1065 TYR A OH  1 
ATOM   482 N  N   . ASP A 1 66 ? -6.104  1.431   8.412   1.00 17.40 ? 1066 ASP A N   1 
ATOM   483 C  CA  . ASP A 1 66 ? -5.597  0.415   9.327   1.00 9.89  ? 1066 ASP A CA  1 
ATOM   484 C  C   . ASP A 1 66 ? -5.028  -0.802  8.608   1.00 17.72 ? 1066 ASP A C   1 
ATOM   485 O  O   . ASP A 1 66 ? -5.776  -1.566  7.994   1.00 12.60 ? 1066 ASP A O   1 
ATOM   486 C  CB  . ASP A 1 66 ? -6.715  -0.053  10.267  1.00 10.78 ? 1066 ASP A CB  1 
ATOM   487 C  CG  . ASP A 1 66 ? -7.534  1.115   10.795  1.00 21.69 ? 1066 ASP A CG  1 
ATOM   488 O  OD1 . ASP A 1 66 ? -7.166  1.661   11.856  1.00 24.41 ? 1066 ASP A OD1 1 
ATOM   489 O  OD2 . ASP A 1 66 ? -8.538  1.491   10.152  1.00 15.42 ? 1066 ASP A OD2 1 
ATOM   490 N  N   . VAL A 1 67 ? -3.711  -0.974  8.713   1.00 17.95 ? 1067 VAL A N   1 
ATOM   491 C  CA  . VAL A 1 67 ? -3.080  -2.160  8.143   1.00 12.77 ? 1067 VAL A CA  1 
ATOM   492 C  C   . VAL A 1 67 ? -3.147  -3.328  9.122   1.00 4.86  ? 1067 VAL A C   1 
ATOM   493 O  O   . VAL A 1 67 ? -2.647  -3.279  10.238  1.00 7.19  ? 1067 VAL A O   1 
ATOM   494 C  CB  . VAL A 1 67 ? -1.621  -1.908  7.742   1.00 7.11  ? 1067 VAL A CB  1 
ATOM   495 C  CG1 . VAL A 1 67 ? -1.036  -3.178  7.134   1.00 28.14 ? 1067 VAL A CG1 1 
ATOM   496 C  CG2 . VAL A 1 67 ? -1.503  -0.752  6.759   1.00 3.51  ? 1067 VAL A CG2 1 
ATOM   497 N  N   . ALA A 1 68 ? -3.803  -4.409  8.709   1.00 0.04  ? 1068 ALA A N   1 
ATOM   498 C  CA  . ALA A 1 68 ? -3.954  -5.551  9.613   1.00 1.62  ? 1068 ALA A CA  1 
ATOM   499 C  C   . ALA A 1 68 ? -2.583  -6.128  9.965   1.00 11.71 ? 1068 ALA A C   1 
ATOM   500 O  O   . ALA A 1 68 ? -2.072  -7.041  9.326   1.00 28.87 ? 1068 ALA A O   1 
ATOM   501 C  CB  . ALA A 1 68 ? -4.889  -6.574  8.999   1.00 0.00  ? 1068 ALA A CB  1 
ATOM   502 N  N   . LYS A 1 69 ? -1.986  -5.569  11.012  1.00 16.57 ? 1069 LYS A N   1 
ATOM   503 C  CA  . LYS A 1 69 ? -0.673  -6.010  11.471  1.00 20.57 ? 1069 LYS A CA  1 
ATOM   504 C  C   . LYS A 1 69 ? 0.376   -5.852  10.376  1.00 28.19 ? 1069 LYS A C   1 
ATOM   505 O  O   . LYS A 1 69 ? 0.192   -6.325  9.253   1.00 32.30 ? 1069 LYS A O   1 
ATOM   506 C  CB  . LYS A 1 69 ? -0.736  -7.455  11.945  1.00 15.20 ? 1069 LYS A CB  1 
HETATM 507 CU CU  . CU1 B 2 .  ? -11.769 11.310  -1.130  1.00 5.13  ? 2001 CU1 A CU  1 
HETATM 508 O  O   . HOH C 3 .  ? -10.861 6.266   1.723   1.00 1.46  ? 3001 HOH A O   1 
HETATM 509 O  O   . HOH C 3 .  ? -5.679  8.195   1.081   1.00 7.59  ? 3002 HOH A O   1 
HETATM 510 O  O   . HOH C 3 .  ? -10.225 -0.612  3.061   1.00 4.11  ? 3003 HOH A O   1 
HETATM 511 O  O   . HOH C 3 .  ? -13.563 5.365   5.153   1.00 1.79  ? 3004 HOH A O   1 
HETATM 512 O  O   . HOH C 3 .  ? -16.280 7.662   1.230   0.33 1.28  ? 3005 HOH A O   1 
HETATM 513 O  O   . HOH C 3 .  ? -6.074  11.675  -3.685  1.00 1.00  ? 3006 HOH A O   1 
HETATM 514 O  O   . HOH C 3 .  ? -4.668  5.181   10.752  1.00 11.15 ? 3007 HOH A O   1 
HETATM 515 O  O   . HOH C 3 .  ? 10.514  4.725   -6.044  1.00 16.49 ? 3008 HOH A O   1 
HETATM 516 O  O   . HOH C 3 .  ? -8.653  5.246   -7.338  1.00 3.74  ? 3009 HOH A O   1 
HETATM 517 O  O   . HOH C 3 .  ? -11.278 -0.634  -6.468  1.00 26.67 ? 3010 HOH A O   1 
HETATM 518 O  O   . HOH C 3 .  ? 11.848  -6.530  3.135   1.00 14.83 ? 3011 HOH A O   1 
HETATM 519 O  O   . HOH C 3 .  ? -4.110  0.056   -10.163 1.00 35.72 ? 3012 HOH A O   1 
HETATM 520 O  O   . HOH C 3 .  ? 8.387   3.237   8.092   1.00 9.86  ? 3013 HOH A O   1 
HETATM 521 O  O   . HOH C 3 .  ? 0.538   -8.177  1.772   1.00 16.49 ? 3014 HOH A O   1 
HETATM 522 O  O   . HOH C 3 .  ? 5.478   -5.040  -2.890  1.00 41.84 ? 3015 HOH A O   1 
HETATM 523 O  O   . HOH C 3 .  ? 5.301   -10.580 -1.849  1.00 13.83 ? 3016 HOH A O   1 
HETATM 524 O  O   . HOH C 3 .  ? -4.014  -1.188  11.961  1.00 31.09 ? 3017 HOH A O   1 
HETATM 525 O  O   . HOH C 3 .  ? 4.461   -12.607 -10.534 1.00 26.53 ? 3018 HOH A O   1 
HETATM 526 O  O   . HOH C 3 .  ? -0.466  -3.465  -8.256  1.00 15.46 ? 3019 HOH A O   1 
HETATM 527 O  O   . HOH C 3 .  ? 6.196   -6.776  -10.683 1.00 12.26 ? 3020 HOH A O   1 
# 
